data_1YGU
#
_entry.id   1YGU
#
_cell.length_a   84.900
_cell.length_b   57.920
_cell.length_c   159.290
_cell.angle_alpha   90.00
_cell.angle_beta   98.66
_cell.angle_gamma   90.00
#
_symmetry.space_group_name_H-M   'P 1 21 1'
#
loop_
_entity.id
_entity.type
_entity.pdbx_description
1 polymer 'Leukocyte common antigen'
2 polymer 'Polyoma Middle T antigen'
#
loop_
_entity_poly.entity_id
_entity_poly.type
_entity_poly.pdbx_seq_one_letter_code
_entity_poly.pdbx_strand_id
1 'polypeptide(L)'
;EKQL(MSE)NVEPIHADILLETYKRKIADEGRPFLAEFQSIPRVFSKFPIKEARKPFNQNKNRYVDILPYDYNRVELSEI
NGDAGSNYINASYIDGFKEPRKYIAAQGPRDETVDDFWR(MSE)IWEQKATVIV(MSE)VTRCEEGNRNKCAEYWPS
(MSE)EEGTRAFGDVVVKINQHKRCPDYIIQKLNIVNKKEKATGREVTHIQFTSWPDHGVPEDPHLLLKLRRRVNAFSNF
FSGPIVVHSSAGVGRTGTYIGIDA(MSE)LEGLEAENKVDVYGYVVKLRRQRCL(MSE)VQVEAQYILIHQALVEYNQFG
ETEVNLSELHPYLHN(MSE)KKRDPPSEPSPLEAEFQRLPSYRSWRTQHIGNQEENKSKNRNSNVIPYDYNRVPLKHELE
MSKESEHDSDESSDDDSDSEEPSKYINASFI(MSE)SYWKPEV(MSE)IAAQGPLKETIGDFWQ(MSE)IFQRKVKVIV
(MSE)LTELKHGDQEICAQYWGEGKQTYGDIEVDLKDTDKSSTYTLRVFELRHSKRKDSRTVYQYQYTNWSVEQLPAEPK
ELIS(MSE)IQVVKQKLPQKNSSEGNKHHKSTPLLIHCRDGSQQTGIFCALLNLLESAETEEVVDIFQVVKALRKARLG
(MSE)VSTFEQYQFLYDVIASTYPAQN
;
A,B
2 'polypeptide(L)' PT(PTR)S C,D
#
# COMPACT_ATOMS: atom_id res chain seq x y z
N GLU A 1 42.59 53.09 28.43
CA GLU A 1 42.79 51.63 28.21
C GLU A 1 43.05 50.90 29.53
N LYS A 2 42.92 49.58 29.47
CA LYS A 2 43.11 48.72 30.63
C LYS A 2 43.72 47.42 30.11
N GLN A 3 43.70 46.37 30.92
CA GLN A 3 44.25 45.11 30.46
C GLN A 3 43.18 44.15 29.99
N LEU A 4 43.14 44.02 28.67
CA LEU A 4 42.23 43.14 27.98
C LEU A 4 43.16 42.04 27.53
N MSE A 5 43.08 41.70 26.25
CA MSE A 5 43.93 40.66 25.69
C MSE A 5 44.43 41.16 24.34
O MSE A 5 44.15 42.28 23.94
CB MSE A 5 43.13 39.37 25.46
CG MSE A 5 42.58 38.68 26.72
SE MSE A 5 41.45 37.15 26.24
CE MSE A 5 42.82 35.81 25.83
N ASN A 6 45.18 40.30 23.67
CA ASN A 6 45.67 40.65 22.35
C ASN A 6 45.24 39.51 21.45
N VAL A 7 44.04 39.64 20.90
CA VAL A 7 43.52 38.61 20.01
C VAL A 7 43.99 38.81 18.56
N GLU A 8 44.38 37.69 17.95
CA GLU A 8 44.87 37.69 16.59
C GLU A 8 43.69 37.88 15.64
N PRO A 9 43.74 38.94 14.81
CA PRO A 9 42.72 39.29 13.81
C PRO A 9 42.51 38.18 12.76
N ILE A 10 41.36 37.51 12.82
CA ILE A 10 41.06 36.40 11.91
C ILE A 10 41.08 36.72 10.41
N HIS A 11 41.76 35.87 9.67
CA HIS A 11 41.86 36.01 8.24
C HIS A 11 40.80 35.10 7.64
N ALA A 12 40.20 35.54 6.55
CA ALA A 12 39.15 34.79 5.86
C ALA A 12 39.29 33.28 6.04
N ASP A 13 40.18 32.68 5.26
CA ASP A 13 40.42 31.25 5.31
C ASP A 13 40.25 30.58 6.66
N ILE A 14 41.13 30.89 7.61
CA ILE A 14 41.04 30.27 8.93
C ILE A 14 39.76 30.58 9.73
N LEU A 15 38.98 31.55 9.27
CA LEU A 15 37.73 31.96 9.94
C LEU A 15 36.81 30.80 10.28
N LEU A 16 36.48 30.01 9.26
CA LEU A 16 35.59 28.88 9.44
C LEU A 16 35.98 28.00 10.63
N GLU A 17 37.25 27.61 10.68
CA GLU A 17 37.70 26.76 11.77
C GLU A 17 38.02 27.56 13.00
N THR A 18 38.70 28.69 12.82
CA THR A 18 39.04 29.52 13.97
C THR A 18 37.74 29.51 14.76
N TYR A 19 36.65 29.81 14.06
CA TYR A 19 35.33 29.83 14.66
C TYR A 19 35.08 28.50 15.40
N LYS A 20 35.17 27.41 14.64
CA LYS A 20 34.96 26.04 15.15
C LYS A 20 35.66 25.76 16.49
N ARG A 21 36.94 26.15 16.61
CA ARG A 21 37.66 25.90 17.84
C ARG A 21 37.29 26.93 18.89
N LYS A 22 37.10 28.17 18.46
CA LYS A 22 36.74 29.24 19.37
C LYS A 22 35.45 28.93 20.14
N ILE A 23 34.57 28.15 19.52
CA ILE A 23 33.28 27.77 20.14
C ILE A 23 33.30 26.50 20.98
N ALA A 24 34.27 25.63 20.73
CA ALA A 24 34.43 24.38 21.49
C ALA A 24 34.19 24.54 23.01
N ASP A 25 33.73 23.47 23.66
CA ASP A 25 33.44 23.44 25.10
C ASP A 25 32.64 24.65 25.63
N GLU A 26 31.46 24.85 25.05
CA GLU A 26 30.56 25.98 25.38
C GLU A 26 31.33 27.29 25.17
N GLY A 27 32.08 27.32 24.06
CA GLY A 27 32.87 28.47 23.68
C GLY A 27 33.40 29.33 24.80
N ARG A 28 34.17 28.72 25.71
CA ARG A 28 34.78 29.48 26.81
C ARG A 28 35.90 30.40 26.26
N PRO A 29 36.45 30.08 25.06
CA PRO A 29 37.49 30.99 24.55
C PRO A 29 36.77 32.33 24.38
N PHE A 30 35.70 32.29 23.60
CA PHE A 30 34.87 33.45 23.34
C PHE A 30 34.47 34.12 24.66
N LEU A 31 33.94 33.32 25.58
CA LEU A 31 33.50 33.84 26.87
C LEU A 31 34.51 34.78 27.52
N ALA A 32 35.79 34.37 27.51
CA ALA A 32 36.87 35.16 28.11
C ALA A 32 37.23 36.35 27.24
N GLU A 33 37.35 36.07 25.93
CA GLU A 33 37.67 37.09 24.94
C GLU A 33 36.64 38.22 25.16
N PHE A 34 35.40 37.85 25.45
CA PHE A 34 34.32 38.81 25.69
C PHE A 34 34.30 39.36 27.12
N GLN A 35 34.64 38.50 28.09
CA GLN A 35 34.66 38.88 29.49
C GLN A 35 35.79 39.83 29.85
N SER A 36 36.72 40.01 28.93
CA SER A 36 37.84 40.89 29.16
C SER A 36 37.46 42.33 28.81
N ILE A 37 36.62 42.52 27.80
CA ILE A 37 36.23 43.87 27.39
C ILE A 37 35.40 44.56 28.47
N PRO A 38 35.86 45.71 28.97
CA PRO A 38 35.15 46.41 30.01
C PRO A 38 33.77 46.94 29.69
N ARG A 39 32.89 46.86 30.68
CA ARG A 39 31.53 47.35 30.59
C ARG A 39 31.62 48.76 30.01
N VAL A 40 32.31 49.62 30.75
CA VAL A 40 32.52 51.02 30.39
C VAL A 40 34.01 51.31 30.47
N PHE A 41 34.39 52.55 30.17
CA PHE A 41 35.77 53.01 30.27
C PHE A 41 35.72 54.19 31.21
N SER A 42 36.23 53.92 32.41
CA SER A 42 36.25 54.87 33.51
C SER A 42 36.86 56.24 33.21
N LYS A 43 37.80 56.30 32.28
CA LYS A 43 38.41 57.59 31.98
C LYS A 43 37.42 58.56 31.33
N PHE A 44 36.80 58.15 30.24
CA PHE A 44 35.85 59.01 29.53
C PHE A 44 34.71 59.51 30.40
N PRO A 45 34.78 60.79 30.82
CA PRO A 45 33.77 61.45 31.66
C PRO A 45 32.35 61.31 31.15
N ILE A 46 31.42 61.22 32.09
CA ILE A 46 30.00 61.08 31.82
C ILE A 46 29.31 62.00 32.85
N LYS A 47 29.46 63.30 32.67
CA LYS A 47 28.90 64.29 33.57
C LYS A 47 27.58 64.93 33.12
N GLU A 48 27.28 64.89 31.83
CA GLU A 48 26.06 65.48 31.28
C GLU A 48 24.88 64.54 31.33
N ALA A 49 25.14 63.27 31.12
CA ALA A 49 24.08 62.28 31.16
C ALA A 49 23.56 62.19 32.57
N ARG A 50 24.37 62.58 33.55
CA ARG A 50 23.97 62.49 34.94
C ARG A 50 23.35 63.71 35.59
N LYS A 51 23.34 64.85 34.91
CA LYS A 51 22.73 66.03 35.50
C LYS A 51 21.27 65.72 35.81
N PRO A 52 20.67 66.44 36.77
CA PRO A 52 19.27 66.23 37.18
C PRO A 52 18.19 66.56 36.14
N PHE A 53 18.34 67.69 35.46
CA PHE A 53 17.35 68.09 34.46
C PHE A 53 17.40 67.14 33.26
N ASN A 54 18.29 66.16 33.33
CA ASN A 54 18.46 65.20 32.26
C ASN A 54 18.28 63.74 32.70
N GLN A 55 17.82 63.50 33.92
CA GLN A 55 17.68 62.10 34.31
C GLN A 55 16.40 61.42 33.88
N ASN A 56 15.38 62.20 33.52
CA ASN A 56 14.15 61.60 33.04
C ASN A 56 14.32 61.29 31.57
N LYS A 57 15.39 61.80 30.98
CA LYS A 57 15.65 61.59 29.56
C LYS A 57 16.30 60.25 29.26
N ASN A 58 16.68 59.51 30.29
CA ASN A 58 17.31 58.20 30.12
C ASN A 58 16.27 57.13 30.36
N ARG A 59 16.54 55.92 29.87
CA ARG A 59 15.59 54.83 30.04
C ARG A 59 16.08 53.93 31.17
N TYR A 60 17.39 53.83 31.28
CA TYR A 60 18.05 53.03 32.31
C TYR A 60 19.25 53.86 32.72
N VAL A 61 19.54 53.95 34.01
CA VAL A 61 20.69 54.72 34.45
C VAL A 61 21.93 53.84 34.29
N ASP A 62 21.69 52.60 33.89
CA ASP A 62 22.76 51.63 33.68
C ASP A 62 23.59 52.04 32.45
N ILE A 63 22.92 52.62 31.46
CA ILE A 63 23.52 53.06 30.21
C ILE A 63 23.48 54.57 30.05
N LEU A 64 24.65 55.21 30.02
CA LEU A 64 24.73 56.66 29.86
C LEU A 64 25.78 57.00 28.80
N PRO A 65 25.52 58.00 27.96
CA PRO A 65 26.49 58.35 26.94
C PRO A 65 27.73 59.06 27.47
N TYR A 66 28.88 58.74 26.89
CA TYR A 66 30.12 59.37 27.29
C TYR A 66 29.93 60.85 26.97
N ASP A 67 30.69 61.72 27.64
CA ASP A 67 30.58 63.15 27.41
C ASP A 67 31.19 63.62 26.11
N TYR A 68 32.27 62.98 25.69
CA TYR A 68 32.97 63.40 24.49
C TYR A 68 32.30 63.17 23.15
N ASN A 69 31.63 62.04 22.96
CA ASN A 69 30.97 61.77 21.68
C ASN A 69 29.46 61.77 21.71
N ARG A 70 28.90 62.25 22.82
CA ARG A 70 27.45 62.36 22.98
C ARG A 70 26.90 63.25 21.88
N VAL A 71 25.78 62.84 21.29
CA VAL A 71 25.15 63.61 20.25
C VAL A 71 24.44 64.78 20.93
N GLU A 72 24.64 65.98 20.43
CA GLU A 72 24.01 67.14 21.04
C GLU A 72 22.89 67.70 20.21
N LEU A 73 21.93 68.31 20.89
CA LEU A 73 20.80 68.91 20.22
C LEU A 73 21.02 70.43 20.22
N SER A 74 20.35 71.10 19.30
CA SER A 74 20.47 72.55 19.24
C SER A 74 20.00 73.09 20.58
N GLU A 75 20.87 73.82 21.26
CA GLU A 75 20.50 74.39 22.55
C GLU A 75 19.34 75.35 22.41
N ILE A 76 18.21 74.99 23.02
CA ILE A 76 17.03 75.85 23.02
C ILE A 76 17.23 76.72 24.25
N ASN A 77 17.62 77.98 24.03
CA ASN A 77 17.87 78.90 25.14
C ASN A 77 16.79 78.91 26.22
N GLY A 78 17.21 79.02 27.48
CA GLY A 78 16.25 79.01 28.57
C GLY A 78 16.15 77.60 29.18
N ASP A 79 15.66 76.65 28.38
CA ASP A 79 15.51 75.26 28.82
C ASP A 79 16.89 74.69 29.22
N ALA A 80 17.09 74.52 30.52
CA ALA A 80 18.34 74.00 31.04
C ALA A 80 18.63 72.61 30.50
N GLY A 81 19.84 72.43 29.97
CA GLY A 81 20.22 71.13 29.44
C GLY A 81 19.36 70.60 28.30
N SER A 82 18.92 71.50 27.43
CA SER A 82 18.10 71.14 26.30
C SER A 82 18.96 70.67 25.15
N ASN A 83 20.21 70.36 25.46
CA ASN A 83 21.14 69.90 24.44
C ASN A 83 21.40 68.41 24.56
N TYR A 84 21.05 67.86 25.72
CA TYR A 84 21.25 66.44 25.98
C TYR A 84 20.15 65.50 25.45
N ILE A 85 20.61 64.35 24.98
CA ILE A 85 19.76 63.29 24.48
C ILE A 85 20.66 62.08 24.62
N ASN A 86 20.08 60.93 24.90
CA ASN A 86 20.86 59.73 25.09
C ASN A 86 21.21 59.08 23.77
N ALA A 87 22.34 59.46 23.21
CA ALA A 87 22.77 58.92 21.93
C ALA A 87 24.24 59.21 21.73
N SER A 88 24.98 58.28 21.13
CA SER A 88 26.41 58.45 20.91
C SER A 88 26.81 58.23 19.45
N TYR A 89 27.73 59.04 18.94
CA TYR A 89 28.20 58.88 17.57
C TYR A 89 29.09 57.66 17.56
N ILE A 90 28.94 56.79 16.58
CA ILE A 90 29.77 55.59 16.49
C ILE A 90 30.56 55.57 15.19
N ASP A 91 31.83 55.18 15.28
CA ASP A 91 32.71 55.12 14.12
C ASP A 91 32.62 53.78 13.39
N GLY A 92 32.63 53.82 12.07
CA GLY A 92 32.58 52.58 11.31
C GLY A 92 33.99 52.09 11.02
N PHE A 93 34.11 51.09 10.13
CA PHE A 93 35.41 50.55 9.75
C PHE A 93 36.33 51.67 9.29
N LYS A 94 35.74 52.78 8.85
CA LYS A 94 36.50 53.93 8.40
C LYS A 94 35.69 55.19 8.68
N GLU A 95 34.71 55.45 7.82
CA GLU A 95 33.84 56.60 7.99
C GLU A 95 33.64 56.91 9.47
N PRO A 96 34.16 58.05 9.94
CA PRO A 96 34.02 58.41 11.33
C PRO A 96 32.64 58.98 11.58
N ARG A 97 31.98 58.50 12.63
CA ARG A 97 30.64 58.91 13.00
C ARG A 97 29.67 58.51 11.91
N LYS A 98 29.81 57.25 11.50
CA LYS A 98 28.97 56.68 10.46
C LYS A 98 27.58 56.45 11.04
N TYR A 99 27.53 56.03 12.30
CA TYR A 99 26.29 55.74 12.98
C TYR A 99 26.03 56.59 14.22
N ILE A 100 24.85 56.38 14.80
CA ILE A 100 24.43 57.03 16.02
C ILE A 100 23.76 55.95 16.85
N ALA A 101 24.41 55.55 17.94
CA ALA A 101 23.85 54.54 18.82
C ALA A 101 22.91 55.28 19.76
N ALA A 102 21.61 55.13 19.54
CA ALA A 102 20.60 55.81 20.34
C ALA A 102 19.76 54.89 21.18
N GLN A 103 19.44 55.36 22.38
CA GLN A 103 18.59 54.65 23.32
C GLN A 103 17.19 54.84 22.76
N GLY A 104 16.34 53.83 22.87
CA GLY A 104 14.99 53.97 22.36
C GLY A 104 14.30 55.14 23.05
N PRO A 105 13.76 56.10 22.30
CA PRO A 105 13.10 57.23 22.94
C PRO A 105 12.03 56.85 23.96
N ARG A 106 11.74 57.77 24.87
CA ARG A 106 10.72 57.56 25.86
C ARG A 106 9.62 58.48 25.43
N ASP A 107 8.42 58.24 25.92
CA ASP A 107 7.30 59.09 25.57
C ASP A 107 7.74 60.50 25.89
N GLU A 108 8.44 60.62 27.00
CA GLU A 108 8.93 61.89 27.48
C GLU A 108 10.06 62.39 26.62
N THR A 109 10.40 61.64 25.57
CA THR A 109 11.51 61.98 24.70
C THR A 109 11.26 61.96 23.20
N VAL A 110 10.11 61.46 22.76
CA VAL A 110 9.84 61.40 21.34
C VAL A 110 10.22 62.67 20.56
N ASP A 111 9.78 63.84 21.02
CA ASP A 111 10.12 65.09 20.34
C ASP A 111 11.63 65.25 20.14
N ASP A 112 12.38 65.15 21.23
CA ASP A 112 13.84 65.28 21.17
C ASP A 112 14.43 64.25 20.21
N PHE A 113 13.71 63.16 19.96
CA PHE A 113 14.24 62.14 19.06
C PHE A 113 14.13 62.60 17.63
N TRP A 114 12.97 63.12 17.25
CA TRP A 114 12.82 63.57 15.88
C TRP A 114 13.62 64.81 15.58
N ARG A 115 13.94 65.58 16.62
CA ARG A 115 14.75 66.80 16.47
C ARG A 115 16.15 66.39 16.08
N MSE A 116 16.69 65.39 16.79
CA MSE A 116 18.01 64.88 16.49
C MSE A 116 18.07 64.34 15.04
O MSE A 116 19.10 64.39 14.40
CB MSE A 116 18.36 63.75 17.47
CG MSE A 116 19.68 63.07 17.18
SE MSE A 116 20.01 61.44 18.14
CE MSE A 116 18.94 60.31 17.07
N ILE A 117 16.94 63.82 14.53
CA ILE A 117 16.90 63.28 13.16
C ILE A 117 16.88 64.40 12.14
N TRP A 118 16.34 65.53 12.53
CA TRP A 118 16.29 66.67 11.62
C TRP A 118 17.66 67.34 11.64
N GLU A 119 18.16 67.66 12.83
CA GLU A 119 19.45 68.32 13.01
C GLU A 119 20.66 67.54 12.46
N GLN A 120 20.71 66.23 12.66
CA GLN A 120 21.82 65.44 12.14
C GLN A 120 21.61 65.08 10.69
N LYS A 121 20.49 65.51 10.12
CA LYS A 121 20.18 65.23 8.73
C LYS A 121 20.26 63.74 8.41
N ALA A 122 19.68 62.90 9.27
CA ALA A 122 19.69 61.46 9.04
C ALA A 122 18.52 61.13 8.14
N THR A 123 18.70 60.11 7.31
CA THR A 123 17.68 59.68 6.37
C THR A 123 17.51 58.17 6.46
N VAL A 124 18.13 57.57 7.48
CA VAL A 124 18.07 56.13 7.71
C VAL A 124 18.03 55.78 9.18
N ILE A 125 16.91 55.25 9.63
CA ILE A 125 16.75 54.86 11.02
C ILE A 125 16.67 53.35 11.05
N VAL A 126 17.52 52.72 11.84
CA VAL A 126 17.51 51.28 11.95
C VAL A 126 17.02 50.87 13.33
N MSE A 127 15.75 50.52 13.42
CA MSE A 127 15.15 50.12 14.68
C MSE A 127 15.22 48.62 14.86
O MSE A 127 14.50 47.87 14.21
CB MSE A 127 13.69 50.55 14.77
CG MSE A 127 13.03 50.07 16.03
SE MSE A 127 11.32 50.78 16.31
CE MSE A 127 10.80 49.73 17.78
N VAL A 128 16.07 48.18 15.77
CA VAL A 128 16.21 46.77 16.00
C VAL A 128 15.65 46.47 17.36
N THR A 129 14.32 46.40 17.44
CA THR A 129 13.61 46.11 18.69
C THR A 129 12.11 46.27 18.51
N ARG A 130 11.38 45.91 19.54
CA ARG A 130 9.94 46.07 19.52
C ARG A 130 9.61 47.04 20.64
N CYS A 131 8.50 47.75 20.50
CA CYS A 131 8.11 48.72 21.51
C CYS A 131 7.70 48.06 22.83
N GLU A 132 7.19 46.85 22.73
CA GLU A 132 6.78 46.13 23.91
C GLU A 132 7.46 44.76 23.96
N GLU A 133 7.92 44.40 25.15
CA GLU A 133 8.60 43.12 25.37
C GLU A 133 8.41 42.62 26.79
N GLY A 134 7.62 41.56 26.93
CA GLY A 134 7.35 41.02 28.25
C GLY A 134 6.41 41.93 29.04
N ASN A 135 5.50 42.57 28.31
CA ASN A 135 4.55 43.47 28.94
C ASN A 135 5.29 44.61 29.63
N ARG A 136 6.54 44.78 29.21
CA ARG A 136 7.45 45.84 29.67
C ARG A 136 7.67 46.70 28.43
N ASN A 137 7.70 48.01 28.60
CA ASN A 137 7.90 48.92 27.48
C ASN A 137 9.40 49.10 27.20
N LYS A 138 9.79 48.89 25.95
CA LYS A 138 11.20 49.03 25.61
C LYS A 138 11.45 50.23 24.72
N CYS A 139 10.44 50.71 24.01
CA CYS A 139 10.58 51.86 23.13
C CYS A 139 9.24 52.52 22.79
N ALA A 140 9.16 53.82 22.96
CA ALA A 140 7.92 54.53 22.65
C ALA A 140 7.73 54.43 21.16
N GLU A 141 6.51 54.58 20.68
CA GLU A 141 6.31 54.56 19.25
C GLU A 141 6.39 56.00 18.76
N TYR A 142 7.45 56.32 18.03
CA TYR A 142 7.67 57.67 17.53
C TYR A 142 7.19 57.94 16.14
N TRP A 143 6.31 57.10 15.61
CA TRP A 143 5.84 57.32 14.26
C TRP A 143 4.35 57.09 14.06
N PRO A 144 3.77 57.74 13.05
CA PRO A 144 2.36 57.67 12.70
C PRO A 144 1.93 56.34 12.10
N SER A 145 0.81 55.81 12.57
CA SER A 145 0.31 54.56 12.03
C SER A 145 0.04 54.91 10.59
N MSE A 146 0.09 53.91 9.72
CA MSE A 146 -0.15 54.15 8.31
C MSE A 146 -1.51 54.84 8.21
O MSE A 146 -1.74 55.64 7.30
CB MSE A 146 -0.12 52.83 7.55
CG MSE A 146 -0.29 52.93 6.03
SE MSE A 146 1.15 53.82 5.02
CE MSE A 146 0.22 55.52 4.66
N GLU A 147 -2.39 54.54 9.17
CA GLU A 147 -3.74 55.09 9.18
C GLU A 147 -3.86 56.56 9.63
N GLU A 148 -3.20 56.96 10.74
CA GLU A 148 -3.31 58.36 11.15
C GLU A 148 -2.60 59.23 10.13
N GLY A 149 -1.86 58.55 9.25
CA GLY A 149 -1.14 59.21 8.16
C GLY A 149 0.02 60.16 8.42
N THR A 150 -0.22 61.18 9.21
CA THR A 150 0.80 62.15 9.54
C THR A 150 0.70 62.56 11.00
N ARG A 151 1.84 62.82 11.62
CA ARG A 151 1.84 63.25 13.00
C ARG A 151 3.08 64.10 13.15
N ALA A 152 2.95 65.20 13.89
CA ALA A 152 4.06 66.09 14.10
C ALA A 152 4.57 65.96 15.52
N PHE A 153 5.88 65.83 15.65
CA PHE A 153 6.47 65.72 16.96
C PHE A 153 7.21 67.02 17.12
N GLY A 154 6.61 67.94 17.83
CA GLY A 154 7.23 69.23 18.02
C GLY A 154 7.10 69.96 16.70
N ASP A 155 8.23 70.43 16.18
CA ASP A 155 8.28 71.14 14.92
C ASP A 155 8.53 70.20 13.75
N VAL A 156 8.80 68.94 14.04
CA VAL A 156 9.08 67.96 13.00
C VAL A 156 7.84 67.22 12.57
N VAL A 157 7.38 67.46 11.36
CA VAL A 157 6.19 66.77 10.88
C VAL A 157 6.58 65.50 10.16
N VAL A 158 6.11 64.36 10.63
CA VAL A 158 6.42 63.08 9.99
C VAL A 158 5.22 62.49 9.29
N LYS A 159 5.34 62.29 7.99
CA LYS A 159 4.25 61.74 7.19
C LYS A 159 4.71 60.41 6.64
N ILE A 160 3.90 59.37 6.83
CA ILE A 160 4.27 58.08 6.33
C ILE A 160 3.67 57.86 4.95
N ASN A 161 4.44 57.27 4.03
CA ASN A 161 3.96 57.02 2.68
C ASN A 161 3.86 55.54 2.40
N GLN A 162 4.71 54.75 3.03
CA GLN A 162 4.68 53.32 2.82
C GLN A 162 4.93 52.48 4.06
N HIS A 163 4.26 51.34 4.13
CA HIS A 163 4.41 50.43 5.24
C HIS A 163 4.42 49.05 4.62
N LYS A 164 5.61 48.49 4.45
CA LYS A 164 5.80 47.18 3.84
C LYS A 164 6.22 46.14 4.89
N ARG A 165 5.25 45.48 5.50
CA ARG A 165 5.49 44.48 6.55
C ARG A 165 6.02 43.12 6.07
N CYS A 166 7.32 42.89 6.23
CA CYS A 166 7.94 41.62 5.82
C CYS A 166 8.02 40.72 7.03
N PRO A 167 8.40 39.43 6.82
CA PRO A 167 8.54 38.39 7.84
C PRO A 167 9.39 38.67 9.09
N ASP A 168 10.46 39.42 8.91
CA ASP A 168 11.32 39.73 10.03
C ASP A 168 11.40 41.22 10.33
N TYR A 169 11.17 42.06 9.32
CA TYR A 169 11.24 43.49 9.59
C TYR A 169 10.16 44.19 8.83
N ILE A 170 9.85 45.43 9.20
CA ILE A 170 8.84 46.19 8.49
C ILE A 170 9.50 47.47 8.04
N ILE A 171 9.47 47.72 6.74
CA ILE A 171 10.09 48.89 6.15
C ILE A 171 9.14 50.03 5.84
N GLN A 172 9.31 51.14 6.53
CA GLN A 172 8.46 52.29 6.32
C GLN A 172 9.18 53.37 5.54
N LYS A 173 8.40 54.15 4.81
CA LYS A 173 8.90 55.23 3.96
C LYS A 173 8.28 56.54 4.47
N LEU A 174 9.04 57.28 5.26
CA LEU A 174 8.57 58.52 5.84
C LEU A 174 9.08 59.78 5.12
N ASN A 175 8.42 60.90 5.38
CA ASN A 175 8.80 62.19 4.82
C ASN A 175 8.69 63.22 5.94
N ILE A 176 9.83 63.70 6.42
CA ILE A 176 9.81 64.67 7.49
C ILE A 176 10.12 66.06 6.98
N VAL A 177 9.66 67.08 7.70
CA VAL A 177 9.87 68.47 7.35
C VAL A 177 9.73 69.29 8.62
N ASN A 178 10.61 70.27 8.81
CA ASN A 178 10.49 71.13 9.99
C ASN A 178 9.56 72.21 9.52
N LYS A 179 8.59 72.59 10.34
CA LYS A 179 7.66 73.60 9.89
C LYS A 179 7.85 75.01 10.39
N LYS A 180 8.71 75.18 11.39
CA LYS A 180 8.99 76.52 11.88
C LYS A 180 10.29 76.79 11.17
N GLU A 181 10.36 76.44 9.89
CA GLU A 181 11.61 76.61 9.16
C GLU A 181 11.48 76.24 7.67
N LYS A 182 11.56 77.24 6.80
CA LYS A 182 11.48 76.98 5.38
C LYS A 182 12.71 76.21 4.93
N ALA A 183 12.54 74.89 4.90
CA ALA A 183 13.52 73.88 4.50
C ALA A 183 12.55 72.87 3.93
N THR A 184 12.98 72.01 3.02
CA THR A 184 11.99 71.07 2.48
C THR A 184 12.12 69.62 2.89
N GLY A 185 10.94 68.98 2.97
CA GLY A 185 10.80 67.60 3.36
C GLY A 185 11.85 66.68 2.81
N ARG A 186 12.31 65.80 3.69
CA ARG A 186 13.35 64.86 3.34
C ARG A 186 12.77 63.45 3.43
N GLU A 187 13.26 62.57 2.58
CA GLU A 187 12.82 61.20 2.49
C GLU A 187 13.53 60.30 3.51
N VAL A 188 12.81 59.89 4.55
CA VAL A 188 13.38 59.04 5.60
C VAL A 188 13.00 57.55 5.49
N THR A 189 13.95 56.66 5.75
CA THR A 189 13.70 55.22 5.68
C THR A 189 13.84 54.58 7.05
N HIS A 190 12.78 53.93 7.49
CA HIS A 190 12.76 53.35 8.80
C HIS A 190 12.51 51.85 8.79
N ILE A 191 13.54 51.05 9.09
CA ILE A 191 13.37 49.60 9.14
C ILE A 191 13.21 49.20 10.58
N GLN A 192 12.33 48.24 10.82
CA GLN A 192 12.14 47.73 12.16
C GLN A 192 12.32 46.23 12.10
N PHE A 193 13.33 45.73 12.80
CA PHE A 193 13.59 44.31 12.81
C PHE A 193 12.88 43.74 14.02
N THR A 194 11.99 42.79 13.80
CA THR A 194 11.25 42.21 14.89
C THR A 194 11.59 40.79 15.30
N SER A 195 12.54 40.16 14.62
CA SER A 195 12.89 38.80 14.97
C SER A 195 14.17 38.78 15.82
N TRP A 196 14.38 39.83 16.60
CA TRP A 196 15.56 39.95 17.44
C TRP A 196 15.16 40.24 18.88
N PRO A 197 15.31 39.25 19.78
CA PRO A 197 14.96 39.38 21.21
C PRO A 197 15.94 40.16 22.07
N ASP A 198 15.38 41.04 22.90
CA ASP A 198 16.14 41.86 23.84
C ASP A 198 17.10 40.95 24.60
N HIS A 199 18.31 41.41 24.87
CA HIS A 199 19.28 40.59 25.60
C HIS A 199 19.60 39.27 24.92
N GLY A 200 19.08 39.03 23.72
CA GLY A 200 19.34 37.76 23.05
C GLY A 200 19.66 37.87 21.57
N VAL A 201 19.59 36.76 20.85
CA VAL A 201 19.91 36.78 19.41
C VAL A 201 18.80 36.24 18.50
N PRO A 202 18.89 36.54 17.20
CA PRO A 202 17.89 36.07 16.23
C PRO A 202 17.96 34.56 16.01
N GLU A 203 17.01 34.04 15.25
CA GLU A 203 16.93 32.60 14.94
C GLU A 203 18.05 32.14 14.04
N ASP A 204 18.43 32.97 13.08
CA ASP A 204 19.48 32.57 12.15
C ASP A 204 20.32 33.76 11.72
N PRO A 205 21.63 33.58 11.70
CA PRO A 205 22.55 34.64 11.29
C PRO A 205 22.20 35.28 9.94
N HIS A 206 21.55 34.54 9.06
CA HIS A 206 21.21 35.11 7.76
C HIS A 206 20.20 36.23 7.87
N LEU A 207 19.44 36.23 8.97
CA LEU A 207 18.45 37.27 9.18
C LEU A 207 19.15 38.60 9.37
N LEU A 208 20.33 38.55 9.97
CA LEU A 208 21.12 39.74 10.20
C LEU A 208 21.85 40.13 8.93
N LEU A 209 22.45 39.16 8.26
CA LEU A 209 23.14 39.45 7.02
C LEU A 209 22.08 39.99 6.07
N LYS A 210 20.82 39.78 6.46
CA LYS A 210 19.66 40.21 5.69
C LYS A 210 19.38 41.70 5.85
N LEU A 211 18.98 42.15 7.04
CA LEU A 211 18.70 43.58 7.18
C LEU A 211 19.92 44.44 6.89
N ARG A 212 21.10 43.85 6.98
CA ARG A 212 22.31 44.60 6.69
C ARG A 212 22.30 44.79 5.19
N ARG A 213 21.87 43.75 4.48
CA ARG A 213 21.78 43.79 3.03
C ARG A 213 20.79 44.88 2.63
N ARG A 214 19.72 44.98 3.40
CA ARG A 214 18.68 45.96 3.14
C ARG A 214 19.06 47.41 3.45
N VAL A 215 19.59 47.67 4.65
CA VAL A 215 19.97 49.02 5.05
C VAL A 215 21.06 49.61 4.18
N ASN A 216 22.08 48.82 3.87
CA ASN A 216 23.19 49.27 3.03
C ASN A 216 22.66 49.58 1.64
N ALA A 217 21.37 49.36 1.44
CA ALA A 217 20.75 49.59 0.17
C ALA A 217 19.98 50.88 0.10
N PHE A 218 19.50 51.36 1.24
CA PHE A 218 18.71 52.60 1.29
C PHE A 218 19.46 53.89 0.99
N SER A 219 18.72 54.90 0.55
CA SER A 219 19.31 56.18 0.25
C SER A 219 19.70 57.02 1.48
N ASN A 220 20.87 57.67 1.38
CA ASN A 220 21.38 58.54 2.43
C ASN A 220 21.71 59.91 1.84
N PHE A 221 20.78 60.44 1.06
CA PHE A 221 20.90 61.74 0.39
C PHE A 221 21.67 62.86 1.14
N PHE A 222 21.90 62.72 2.45
CA PHE A 222 22.61 63.77 3.18
C PHE A 222 23.94 63.41 3.84
N SER A 223 24.47 62.23 3.56
CA SER A 223 25.72 61.75 4.17
C SER A 223 25.58 61.95 5.66
N GLY A 224 24.37 61.74 6.14
CA GLY A 224 24.09 61.93 7.54
C GLY A 224 24.44 60.69 8.30
N PRO A 225 24.43 60.74 9.64
CA PRO A 225 24.75 59.56 10.43
C PRO A 225 23.61 58.57 10.34
N ILE A 226 23.89 57.31 10.65
CA ILE A 226 22.86 56.32 10.58
C ILE A 226 22.41 56.04 12.00
N VAL A 227 21.14 56.27 12.25
CA VAL A 227 20.55 56.05 13.54
C VAL A 227 20.20 54.59 13.74
N VAL A 228 20.90 53.94 14.67
CA VAL A 228 20.64 52.55 15.00
C VAL A 228 20.26 52.64 16.45
N HIS A 229 19.13 52.03 16.81
CA HIS A 229 18.70 52.06 18.19
C HIS A 229 17.86 50.86 18.53
N SER A 230 17.83 50.56 19.82
CA SER A 230 17.08 49.46 20.36
C SER A 230 16.45 50.00 21.64
N SER A 231 16.59 49.29 22.74
CA SER A 231 15.99 49.76 23.96
C SER A 231 16.95 50.66 24.70
N ALA A 232 18.14 50.14 25.00
CA ALA A 232 19.13 50.94 25.71
C ALA A 232 20.08 51.64 24.75
N GLY A 233 20.14 51.13 23.52
CA GLY A 233 21.00 51.69 22.50
C GLY A 233 22.41 51.14 22.60
N VAL A 234 22.54 49.92 23.08
CA VAL A 234 23.86 49.33 23.22
C VAL A 234 23.90 47.85 22.80
N GLY A 235 22.95 47.06 23.31
CA GLY A 235 22.90 45.63 23.00
C GLY A 235 22.74 45.28 21.55
N ARG A 236 21.51 44.96 21.15
CA ARG A 236 21.21 44.58 19.78
C ARG A 236 21.78 45.56 18.77
N THR A 237 21.66 46.84 19.09
CA THR A 237 22.15 47.90 18.23
C THR A 237 23.65 47.81 18.01
N GLY A 238 24.42 47.77 19.08
CA GLY A 238 25.85 47.64 18.93
C GLY A 238 26.22 46.36 18.19
N THR A 239 25.48 45.29 18.43
CA THR A 239 25.71 44.02 17.78
C THR A 239 25.59 44.19 16.28
N TYR A 240 24.52 44.86 15.85
CA TYR A 240 24.27 45.11 14.43
C TYR A 240 25.46 45.78 13.77
N ILE A 241 25.86 46.90 14.36
CA ILE A 241 26.98 47.69 13.89
C ILE A 241 28.19 46.77 13.78
N GLY A 242 28.32 45.84 14.72
CA GLY A 242 29.42 44.91 14.68
C GLY A 242 29.44 44.24 13.32
N ILE A 243 28.36 43.55 13.00
CA ILE A 243 28.27 42.87 11.73
C ILE A 243 28.54 43.84 10.59
N ASP A 244 27.73 44.89 10.49
CA ASP A 244 27.91 45.84 9.41
C ASP A 244 29.36 46.26 9.19
N ALA A 245 29.97 46.83 10.24
CA ALA A 245 31.35 47.29 10.19
C ALA A 245 32.31 46.18 9.82
N MSE A 246 32.36 45.13 10.64
CA MSE A 246 33.25 44.01 10.37
C MSE A 246 33.05 43.32 9.03
O MSE A 246 33.87 42.51 8.61
CB MSE A 246 33.11 42.99 11.49
CG MSE A 246 33.57 43.52 12.81
SE MSE A 246 35.41 43.99 12.73
CE MSE A 246 36.09 42.21 12.95
N LEU A 247 31.93 43.61 8.36
CA LEU A 247 31.66 43.01 7.06
C LEU A 247 32.32 43.84 5.98
N GLU A 248 32.47 45.13 6.23
CA GLU A 248 33.14 46.02 5.30
C GLU A 248 34.59 45.60 5.43
N GLY A 249 35.00 45.48 6.69
CA GLY A 249 36.36 45.11 7.00
C GLY A 249 36.80 43.87 6.27
N LEU A 250 35.88 42.94 6.10
CA LEU A 250 36.20 41.71 5.43
C LEU A 250 36.36 41.94 3.93
N GLU A 251 35.35 42.56 3.33
CA GLU A 251 35.36 42.84 1.90
C GLU A 251 36.57 43.69 1.51
N ALA A 252 37.32 44.17 2.50
CA ALA A 252 38.48 45.04 2.24
C ALA A 252 39.86 44.44 2.50
N GLU A 253 40.09 44.04 3.75
CA GLU A 253 41.38 43.46 4.16
C GLU A 253 41.35 41.94 4.31
N ASN A 254 40.19 41.32 4.11
CA ASN A 254 40.03 39.87 4.24
C ASN A 254 40.45 39.33 5.59
N LYS A 255 40.19 40.10 6.62
CA LYS A 255 40.52 39.72 7.98
C LYS A 255 39.53 40.52 8.79
N VAL A 256 39.41 40.22 10.07
CA VAL A 256 38.47 40.94 10.93
C VAL A 256 38.88 40.96 12.40
N ASP A 257 39.00 42.15 12.98
CA ASP A 257 39.38 42.22 14.39
C ASP A 257 38.15 42.53 15.25
N VAL A 258 37.26 41.56 15.35
CA VAL A 258 36.03 41.71 16.12
C VAL A 258 36.34 42.16 17.52
N TYR A 259 37.21 41.42 18.18
CA TYR A 259 37.61 41.76 19.54
C TYR A 259 38.02 43.23 19.61
N GLY A 260 38.93 43.62 18.73
CA GLY A 260 39.37 44.99 18.72
C GLY A 260 38.20 45.94 18.53
N TYR A 261 37.45 45.74 17.43
CA TYR A 261 36.30 46.59 17.12
C TYR A 261 35.29 46.74 18.25
N VAL A 262 34.98 45.66 18.94
CA VAL A 262 34.04 45.74 20.03
C VAL A 262 34.61 46.63 21.15
N VAL A 263 35.91 46.58 21.32
CA VAL A 263 36.54 47.39 22.34
C VAL A 263 36.43 48.86 21.96
N LYS A 264 36.62 49.12 20.67
CA LYS A 264 36.57 50.47 20.13
C LYS A 264 35.15 50.96 20.37
N LEU A 265 34.22 50.01 20.36
CA LEU A 265 32.82 50.31 20.57
C LEU A 265 32.55 50.59 22.05
N ARG A 266 32.98 49.68 22.92
CA ARG A 266 32.78 49.93 24.35
C ARG A 266 33.55 51.19 24.75
N ARG A 267 34.25 51.79 23.80
CA ARG A 267 35.03 52.99 24.07
C ARG A 267 34.24 54.23 23.62
N GLN A 268 33.25 54.01 22.76
CA GLN A 268 32.41 55.07 22.26
C GLN A 268 31.07 55.10 22.95
N ARG A 269 30.63 53.92 23.38
CA ARG A 269 29.36 53.83 24.07
C ARG A 269 29.35 52.67 25.03
N CYS A 270 28.91 52.98 26.24
CA CYS A 270 28.83 52.03 27.33
C CYS A 270 28.30 50.65 27.02
N LEU A 271 29.05 49.64 27.43
CA LEU A 271 28.63 48.26 27.25
C LEU A 271 27.93 48.02 25.92
N MSE A 272 28.60 48.21 24.79
CA MSE A 272 27.93 47.94 23.53
C MSE A 272 27.62 46.45 23.52
O MSE A 272 27.07 45.95 24.50
CB MSE A 272 28.77 48.33 22.30
CG MSE A 272 28.72 49.85 21.91
SE MSE A 272 27.18 50.64 20.95
CE MSE A 272 27.74 50.44 19.14
N VAL A 273 27.99 45.73 22.45
CA VAL A 273 27.71 44.27 22.37
C VAL A 273 27.59 43.66 23.77
N GLN A 274 26.38 43.65 24.35
CA GLN A 274 26.19 43.17 25.73
C GLN A 274 26.02 41.67 26.06
N VAL A 275 26.25 40.78 25.11
CA VAL A 275 26.08 39.36 25.40
C VAL A 275 26.98 38.42 24.61
N GLU A 276 27.56 37.48 25.34
CA GLU A 276 28.45 36.45 24.82
C GLU A 276 27.82 35.83 23.60
N ALA A 277 26.50 35.80 23.57
CA ALA A 277 25.79 35.23 22.45
C ALA A 277 25.83 36.22 21.29
N GLN A 278 25.60 37.49 21.60
CA GLN A 278 25.62 38.55 20.59
C GLN A 278 27.05 38.70 20.09
N TYR A 279 28.00 38.38 20.96
CA TYR A 279 29.41 38.42 20.63
C TYR A 279 29.67 37.35 19.59
N ILE A 280 29.24 36.14 19.90
CA ILE A 280 29.43 35.03 19.00
C ILE A 280 28.62 35.25 17.74
N LEU A 281 27.52 35.98 17.85
CA LEU A 281 26.66 36.23 16.71
C LEU A 281 27.40 36.96 15.59
N ILE A 282 28.18 37.96 15.97
CA ILE A 282 28.93 38.75 15.00
C ILE A 282 29.85 37.85 14.19
N HIS A 283 30.47 36.89 14.89
CA HIS A 283 31.38 35.93 14.26
C HIS A 283 30.65 35.02 13.28
N GLN A 284 29.59 34.36 13.74
CA GLN A 284 28.80 33.46 12.90
C GLN A 284 28.35 34.26 11.69
N ALA A 285 28.02 35.52 11.94
CA ALA A 285 27.57 36.44 10.90
C ALA A 285 28.65 36.49 9.83
N LEU A 286 29.88 36.73 10.28
CA LEU A 286 31.04 36.80 9.42
C LEU A 286 31.29 35.44 8.76
N VAL A 287 31.41 34.40 9.58
CA VAL A 287 31.67 33.07 9.07
C VAL A 287 30.67 32.76 7.95
N GLU A 288 29.38 32.80 8.28
CA GLU A 288 28.32 32.52 7.31
C GLU A 288 28.36 33.29 6.00
N TYR A 289 28.67 34.58 6.06
CA TYR A 289 28.71 35.40 4.87
C TYR A 289 29.89 35.05 3.99
N ASN A 290 31.02 34.82 4.62
CA ASN A 290 32.26 34.46 3.94
C ASN A 290 32.12 33.09 3.29
N GLN A 291 31.43 32.22 4.02
CA GLN A 291 31.15 30.84 3.66
C GLN A 291 30.23 30.65 2.44
N PHE A 292 29.07 31.31 2.44
CA PHE A 292 28.11 31.17 1.34
C PHE A 292 27.95 32.43 0.51
N GLY A 293 28.33 33.56 1.09
CA GLY A 293 28.26 34.82 0.38
C GLY A 293 26.87 35.40 0.25
N GLU A 294 26.64 36.19 -0.79
CA GLU A 294 25.34 36.77 -0.99
C GLU A 294 24.65 36.06 -2.14
N THR A 295 23.59 35.34 -1.81
CA THR A 295 22.82 34.51 -2.74
C THR A 295 21.39 34.97 -3.06
N GLU A 296 21.05 36.20 -2.71
CA GLU A 296 19.70 36.74 -2.90
C GLU A 296 19.37 37.61 -4.13
N VAL A 297 19.17 37.01 -5.29
CA VAL A 297 18.84 37.77 -6.51
C VAL A 297 17.49 38.49 -6.45
N ASN A 298 17.42 39.68 -7.04
CA ASN A 298 16.17 40.46 -7.08
C ASN A 298 15.43 40.15 -8.38
N LEU A 299 14.11 40.22 -8.35
CA LEU A 299 13.33 39.91 -9.53
C LEU A 299 13.77 40.70 -10.74
N SER A 300 14.23 41.92 -10.51
CA SER A 300 14.70 42.78 -11.59
C SER A 300 15.77 42.08 -12.43
N GLU A 301 16.72 41.47 -11.72
CA GLU A 301 17.84 40.82 -12.37
C GLU A 301 17.86 39.27 -12.42
N LEU A 302 16.84 38.62 -11.88
CA LEU A 302 16.80 37.17 -11.90
C LEU A 302 17.15 36.55 -13.26
N HIS A 303 16.44 36.97 -14.31
CA HIS A 303 16.68 36.44 -15.66
C HIS A 303 18.12 36.58 -16.17
N PRO A 304 18.65 37.81 -16.23
CA PRO A 304 20.03 38.03 -16.69
C PRO A 304 20.99 37.22 -15.81
N TYR A 305 20.91 37.47 -14.51
CA TYR A 305 21.72 36.79 -13.51
C TYR A 305 21.85 35.30 -13.79
N LEU A 306 20.77 34.57 -13.54
CA LEU A 306 20.74 33.12 -13.76
C LEU A 306 21.55 32.74 -14.99
N HIS A 307 21.16 33.26 -16.15
CA HIS A 307 21.82 33.00 -17.42
C HIS A 307 23.36 32.85 -17.34
N ASN A 308 24.03 33.84 -16.74
CA ASN A 308 25.48 33.77 -16.60
C ASN A 308 25.83 32.82 -15.44
N MSE A 309 24.91 32.74 -14.48
CA MSE A 309 25.09 31.88 -13.33
C MSE A 309 25.15 30.43 -13.85
O MSE A 309 25.69 29.55 -13.19
CB MSE A 309 23.89 32.05 -12.38
CG MSE A 309 24.16 31.71 -10.94
SE MSE A 309 25.50 32.88 -10.24
CE MSE A 309 25.55 32.22 -8.41
N LYS A 310 24.57 30.23 -15.03
CA LYS A 310 24.50 28.93 -15.70
C LYS A 310 25.70 28.72 -16.61
N LYS A 311 26.11 29.76 -17.31
CA LYS A 311 27.26 29.65 -18.20
C LYS A 311 28.46 29.27 -17.33
N ARG A 312 29.11 28.18 -17.71
CA ARG A 312 30.29 27.71 -16.99
C ARG A 312 31.45 27.71 -17.99
N ASP A 313 31.83 28.92 -18.43
CA ASP A 313 32.85 29.13 -19.45
C ASP A 313 33.87 28.04 -19.67
N PRO A 314 34.93 27.98 -18.86
CA PRO A 314 35.83 26.86 -19.19
C PRO A 314 34.97 25.63 -18.89
N PRO A 315 34.28 25.07 -19.91
CA PRO A 315 33.40 23.90 -19.73
C PRO A 315 34.04 22.75 -18.96
N SER A 316 35.37 22.83 -18.85
CA SER A 316 36.18 21.84 -18.12
C SER A 316 35.88 22.01 -16.63
N GLU A 317 35.13 23.08 -16.34
CA GLU A 317 34.73 23.44 -14.99
C GLU A 317 33.20 23.53 -14.82
N PRO A 318 32.72 23.53 -13.56
CA PRO A 318 31.29 23.60 -13.31
C PRO A 318 30.82 25.06 -13.45
N SER A 319 29.51 25.25 -13.39
CA SER A 319 28.93 26.57 -13.52
C SER A 319 28.83 27.29 -12.18
N PRO A 320 28.68 28.63 -12.22
CA PRO A 320 28.58 29.43 -11.01
C PRO A 320 27.45 28.89 -10.15
N LEU A 321 26.38 28.46 -10.82
CA LEU A 321 25.23 27.90 -10.13
C LEU A 321 25.70 26.62 -9.47
N GLU A 322 26.24 25.69 -10.25
CA GLU A 322 26.74 24.45 -9.68
C GLU A 322 27.66 24.78 -8.50
N ALA A 323 28.45 25.84 -8.65
CA ALA A 323 29.35 26.23 -7.59
C ALA A 323 28.55 26.38 -6.31
N GLU A 324 27.48 27.16 -6.44
CA GLU A 324 26.58 27.46 -5.35
C GLU A 324 26.04 26.19 -4.71
N PHE A 325 25.35 25.39 -5.50
CA PHE A 325 24.76 24.15 -5.02
C PHE A 325 25.76 23.29 -4.26
N GLN A 326 27.00 23.36 -4.69
CA GLN A 326 28.05 22.60 -4.05
C GLN A 326 28.45 23.20 -2.72
N ARG A 327 28.09 24.46 -2.53
CA ARG A 327 28.41 25.16 -1.30
C ARG A 327 27.39 24.77 -0.23
N LEU A 328 26.21 24.36 -0.70
CA LEU A 328 25.11 23.95 0.17
C LEU A 328 25.54 22.86 1.13
N PRO A 329 25.77 23.23 2.38
CA PRO A 329 26.19 22.31 3.44
C PRO A 329 25.12 21.34 3.88
N SER A 330 24.96 20.22 3.17
CA SER A 330 23.97 19.23 3.58
C SER A 330 24.22 18.94 5.05
N TYR A 331 23.14 18.88 5.83
CA TYR A 331 23.27 18.66 7.25
C TYR A 331 23.25 17.20 7.68
N ARG A 332 24.01 16.37 6.96
CA ARG A 332 24.10 14.94 7.21
C ARG A 332 23.32 14.42 8.41
N SER A 333 24.02 14.08 9.48
CA SER A 333 23.38 13.57 10.68
C SER A 333 23.23 14.72 11.68
N TRP A 334 23.03 15.91 11.10
CA TRP A 334 22.83 17.20 11.77
C TRP A 334 22.30 17.22 13.22
N ARG A 335 21.21 16.50 13.49
CA ARG A 335 20.65 16.45 14.83
C ARG A 335 20.13 15.07 15.18
N THR A 336 19.69 14.91 16.41
CA THR A 336 19.17 13.63 16.90
C THR A 336 18.00 13.11 16.06
N GLN A 337 18.00 11.79 15.80
CA GLN A 337 16.94 11.15 15.03
C GLN A 337 16.66 9.79 15.65
N HIS A 338 16.69 9.72 16.98
CA HIS A 338 16.45 8.47 17.69
C HIS A 338 15.04 7.92 17.51
N ILE A 339 14.02 8.73 17.83
CA ILE A 339 12.62 8.31 17.73
C ILE A 339 12.32 7.51 16.48
N GLY A 340 12.53 8.12 15.33
CA GLY A 340 12.23 7.44 14.08
C GLY A 340 12.96 6.12 13.89
N ASN A 341 14.00 5.92 14.71
CA ASN A 341 14.82 4.72 14.64
C ASN A 341 14.62 3.74 15.80
N GLN A 342 13.49 3.84 16.47
CA GLN A 342 13.18 2.90 17.56
C GLN A 342 12.76 1.61 16.87
N GLU A 343 12.80 0.50 17.61
CA GLU A 343 12.44 -0.79 17.03
C GLU A 343 11.10 -0.78 16.26
N GLU A 344 10.00 -0.81 17.01
CA GLU A 344 8.66 -0.80 16.43
C GLU A 344 8.45 0.30 15.36
N ASN A 345 9.03 1.49 15.59
CA ASN A 345 8.91 2.62 14.69
C ASN A 345 9.74 2.54 13.41
N LYS A 346 10.62 1.56 13.32
CA LYS A 346 11.44 1.39 12.13
C LYS A 346 10.55 0.90 10.97
N SER A 347 9.50 0.17 11.35
CA SER A 347 8.51 -0.41 10.45
C SER A 347 7.42 0.60 10.10
N LYS A 348 7.70 1.87 10.37
CA LYS A 348 6.73 2.91 10.08
C LYS A 348 7.36 3.93 9.15
N ASN A 349 8.51 3.57 8.59
CA ASN A 349 9.22 4.47 7.68
C ASN A 349 9.28 3.92 6.27
N ARG A 350 8.52 4.53 5.37
CA ARG A 350 8.51 4.12 3.97
C ARG A 350 9.95 4.03 3.49
N ASN A 351 10.74 5.02 3.88
CA ASN A 351 12.15 5.07 3.51
C ASN A 351 13.08 5.17 4.74
N SER A 352 13.85 4.11 4.94
CA SER A 352 14.78 3.93 6.04
C SER A 352 15.61 5.14 6.45
N ASN A 353 16.44 5.63 5.53
CA ASN A 353 17.30 6.76 5.81
C ASN A 353 16.67 8.13 5.49
N VAL A 354 15.36 8.22 5.71
CA VAL A 354 14.60 9.46 5.55
C VAL A 354 13.67 9.57 6.74
N ILE A 355 14.30 9.74 7.90
CA ILE A 355 13.60 9.83 9.17
C ILE A 355 13.62 11.25 9.68
N PRO A 356 12.47 11.78 10.10
CA PRO A 356 12.45 13.14 10.61
C PRO A 356 13.42 13.32 11.80
N TYR A 357 13.97 14.53 11.91
CA TYR A 357 14.88 14.79 13.00
C TYR A 357 14.04 14.84 14.25
N ASP A 358 14.57 14.31 15.36
CA ASP A 358 13.87 14.30 16.65
C ASP A 358 13.43 15.73 16.95
N TYR A 359 14.23 16.67 16.46
CA TYR A 359 14.02 18.10 16.66
C TYR A 359 12.77 18.72 16.05
N ASN A 360 12.12 18.04 15.11
CA ASN A 360 10.91 18.60 14.52
C ASN A 360 9.86 17.58 14.06
N ARG A 361 10.17 16.29 14.18
CA ARG A 361 9.21 15.24 13.82
C ARG A 361 7.86 15.74 14.32
N VAL A 362 6.75 15.25 13.77
CA VAL A 362 5.44 15.70 14.25
C VAL A 362 4.88 14.80 15.37
N PRO A 363 4.70 15.36 16.58
CA PRO A 363 4.19 14.59 17.70
C PRO A 363 2.85 14.02 17.33
N LEU A 364 2.67 12.71 17.53
CA LEU A 364 1.41 12.09 17.20
C LEU A 364 0.57 11.99 18.48
N LYS A 365 -0.19 13.06 18.77
CA LYS A 365 -1.05 13.14 19.96
C LYS A 365 -2.11 12.02 19.99
N SER A 392 3.73 11.06 23.43
CA SER A 392 3.55 11.17 21.97
C SER A 392 3.27 9.81 21.38
N LYS A 393 3.45 9.73 20.06
CA LYS A 393 3.26 8.53 19.23
C LYS A 393 4.07 8.81 17.95
N TYR A 394 4.53 7.77 17.26
CA TYR A 394 5.31 8.02 16.07
C TYR A 394 4.68 7.97 14.68
N ILE A 395 4.98 9.01 13.90
CA ILE A 395 4.52 9.18 12.53
C ILE A 395 5.67 9.83 11.78
N ASN A 396 5.97 9.32 10.59
CA ASN A 396 7.07 9.85 9.81
C ASN A 396 6.79 11.14 9.02
N ALA A 397 6.61 12.25 9.74
CA ALA A 397 6.35 13.53 9.11
C ALA A 397 6.99 14.60 9.97
N SER A 398 7.49 15.65 9.34
CA SER A 398 8.14 16.72 10.08
C SER A 398 7.65 18.13 9.76
N PHE A 399 7.85 19.05 10.71
CA PHE A 399 7.45 20.44 10.56
C PHE A 399 8.42 21.23 9.70
N ILE A 400 7.91 21.90 8.67
CA ILE A 400 8.75 22.71 7.79
C ILE A 400 8.37 24.18 7.88
N MSE A 401 9.37 25.02 8.13
CA MSE A 401 9.18 26.45 8.27
C MSE A 401 8.56 27.11 7.07
O MSE A 401 8.93 26.80 5.94
CB MSE A 401 10.53 27.10 8.55
CG MSE A 401 10.41 28.40 9.33
SE MSE A 401 10.24 28.02 11.22
CE MSE A 401 12.20 28.42 11.63
N SER A 402 7.66 28.06 7.31
CA SER A 402 7.00 28.79 6.22
C SER A 402 7.53 30.20 6.04
N TYR A 403 7.31 30.77 4.87
CA TYR A 403 7.79 32.12 4.63
C TYR A 403 7.36 33.00 5.78
N TRP A 404 6.06 33.10 5.98
CA TRP A 404 5.59 33.94 7.08
C TRP A 404 5.67 33.16 8.37
N LYS A 405 6.64 33.51 9.21
CA LYS A 405 6.76 32.84 10.48
C LYS A 405 5.74 33.48 11.39
N PRO A 406 5.14 32.69 12.29
CA PRO A 406 5.41 31.26 12.47
C PRO A 406 4.57 30.24 11.68
N GLU A 407 3.98 30.61 10.54
CA GLU A 407 3.17 29.64 9.78
C GLU A 407 4.03 28.39 9.53
N VAL A 408 3.42 27.22 9.48
CA VAL A 408 4.18 26.01 9.25
C VAL A 408 3.43 24.97 8.42
N MSE A 409 4.20 24.13 7.73
CA MSE A 409 3.65 23.08 6.87
C MSE A 409 4.06 21.74 7.44
O MSE A 409 4.97 21.65 8.27
CB MSE A 409 4.23 23.20 5.47
CG MSE A 409 4.30 24.61 4.94
SE MSE A 409 5.24 24.69 3.30
CE MSE A 409 6.98 25.11 3.96
N ILE A 410 3.40 20.67 7.00
CA ILE A 410 3.75 19.34 7.44
C ILE A 410 4.23 18.58 6.23
N ALA A 411 5.51 18.22 6.21
CA ALA A 411 6.09 17.48 5.09
C ALA A 411 6.16 16.03 5.51
N ALA A 412 5.16 15.26 5.12
CA ALA A 412 5.11 13.88 5.49
C ALA A 412 5.37 13.01 4.28
N GLN A 413 5.37 11.70 4.51
CA GLN A 413 5.58 10.74 3.45
C GLN A 413 4.26 10.06 3.11
N GLY A 414 4.23 9.38 1.98
CA GLY A 414 3.02 8.69 1.64
C GLY A 414 2.78 7.72 2.78
N PRO A 415 1.57 7.73 3.40
CA PRO A 415 1.28 6.82 4.51
C PRO A 415 1.48 5.37 4.10
N LEU A 416 1.75 4.51 5.06
CA LEU A 416 1.93 3.11 4.75
C LEU A 416 0.64 2.42 5.11
N LYS A 417 0.26 1.41 4.34
CA LYS A 417 -0.98 0.69 4.60
C LYS A 417 -1.01 0.25 6.06
N GLU A 418 0.08 0.50 6.76
CA GLU A 418 0.22 0.15 8.15
C GLU A 418 0.33 1.40 9.01
N THR A 419 -0.15 2.52 8.48
CA THR A 419 -0.16 3.82 9.16
C THR A 419 -1.27 4.68 8.59
N ILE A 420 -1.89 4.19 7.51
CA ILE A 420 -2.99 4.86 6.83
C ILE A 420 -3.92 5.47 7.88
N GLY A 421 -3.86 4.92 9.09
CA GLY A 421 -4.68 5.44 10.15
C GLY A 421 -4.01 6.62 10.82
N ASP A 422 -2.84 6.36 11.39
CA ASP A 422 -2.10 7.42 12.07
C ASP A 422 -2.08 8.69 11.21
N PHE A 423 -1.96 8.50 9.91
CA PHE A 423 -1.92 9.61 8.96
C PHE A 423 -3.11 10.52 9.18
N TRP A 424 -4.30 9.95 9.27
CA TRP A 424 -5.51 10.73 9.48
C TRP A 424 -5.54 11.35 10.87
N GLN A 425 -5.09 10.61 11.87
CA GLN A 425 -5.13 11.17 13.20
C GLN A 425 -4.25 12.42 13.26
N MSE A 426 -3.21 12.45 12.42
CA MSE A 426 -2.34 13.61 12.37
C MSE A 426 -3.05 14.80 11.69
O MSE A 426 -3.08 15.90 12.25
CB MSE A 426 -1.03 13.29 11.62
CG MSE A 426 -0.18 14.54 11.29
SE MSE A 426 1.50 14.28 10.31
CE MSE A 426 0.78 13.37 8.75
N ILE A 427 -3.61 14.56 10.51
CA ILE A 427 -4.26 15.64 9.78
C ILE A 427 -5.41 16.21 10.59
N PHE A 428 -5.86 15.48 11.60
CA PHE A 428 -6.94 15.99 12.42
C PHE A 428 -6.40 16.85 13.56
N GLN A 429 -5.60 16.26 14.44
CA GLN A 429 -5.03 16.99 15.56
C GLN A 429 -4.38 18.28 15.09
N ARG A 430 -3.60 18.18 14.02
CA ARG A 430 -2.89 19.31 13.44
C ARG A 430 -3.78 20.18 12.58
N LYS A 431 -5.05 19.78 12.53
CA LYS A 431 -6.08 20.51 11.79
C LYS A 431 -5.64 20.90 10.39
N VAL A 432 -5.33 19.91 9.58
CA VAL A 432 -4.92 20.13 8.22
C VAL A 432 -6.14 20.53 7.40
N LYS A 433 -5.99 21.58 6.60
CA LYS A 433 -7.06 22.08 5.75
C LYS A 433 -6.92 21.58 4.32
N VAL A 434 -5.70 21.62 3.78
CA VAL A 434 -5.45 21.17 2.41
C VAL A 434 -4.29 20.17 2.40
N ILE A 435 -4.44 19.09 1.64
CA ILE A 435 -3.41 18.07 1.53
C ILE A 435 -2.89 18.11 0.11
N VAL A 436 -1.58 17.91 -0.09
CA VAL A 436 -1.04 17.89 -1.46
C VAL A 436 -0.26 16.61 -1.68
N MSE A 437 -0.74 15.77 -2.59
CA MSE A 437 -0.09 14.51 -2.92
C MSE A 437 0.65 14.69 -4.23
O MSE A 437 0.05 15.01 -5.24
CB MSE A 437 -1.15 13.42 -3.04
CG MSE A 437 -0.64 12.05 -3.45
SE MSE A 437 -1.99 10.66 -3.26
CE MSE A 437 -0.86 9.12 -3.12
N LEU A 438 1.95 14.48 -4.21
CA LEU A 438 2.77 14.64 -5.41
C LEU A 438 3.11 13.31 -6.11
N THR A 439 2.50 12.23 -5.65
CA THR A 439 2.75 10.93 -6.24
C THR A 439 1.47 10.27 -6.77
N GLU A 440 1.65 9.06 -7.31
CA GLU A 440 0.53 8.28 -7.82
C GLU A 440 0.29 7.31 -6.69
N LEU A 441 -0.54 6.28 -6.89
CA LEU A 441 -0.76 5.34 -5.81
C LEU A 441 0.25 4.21 -5.89
N LYS A 442 0.80 4.03 -7.09
CA LYS A 442 1.82 3.02 -7.35
C LYS A 442 2.33 3.03 -8.78
N HIS A 443 3.42 2.29 -8.98
CA HIS A 443 4.09 2.15 -10.27
C HIS A 443 3.77 0.72 -10.69
N GLY A 444 2.66 0.54 -11.37
CA GLY A 444 2.26 -0.80 -11.82
C GLY A 444 2.07 -1.75 -10.64
N ASP A 445 3.18 -2.30 -10.15
CA ASP A 445 3.15 -3.24 -9.01
C ASP A 445 3.50 -2.49 -7.73
N GLN A 446 4.75 -1.99 -7.72
CA GLN A 446 5.31 -1.25 -6.61
C GLN A 446 4.45 -0.06 -6.14
N GLU A 447 3.96 -0.14 -4.89
CA GLU A 447 3.15 0.92 -4.32
C GLU A 447 4.03 2.09 -3.87
N ILE A 448 3.73 3.28 -4.38
CA ILE A 448 4.46 4.49 -4.08
C ILE A 448 3.80 5.18 -2.89
N CYS A 449 2.60 4.74 -2.57
CA CYS A 449 1.86 5.29 -1.45
C CYS A 449 0.73 4.32 -1.19
N ALA A 450 0.12 4.40 -0.01
CA ALA A 450 -1.01 3.55 0.35
C ALA A 450 -2.24 4.19 -0.28
N GLN A 451 -3.36 4.18 0.42
CA GLN A 451 -4.55 4.80 -0.14
C GLN A 451 -5.48 5.20 1.00
N TYR A 452 -5.04 6.14 1.82
CA TYR A 452 -5.81 6.59 2.97
C TYR A 452 -7.25 7.00 2.67
N TRP A 453 -7.73 6.79 1.46
CA TRP A 453 -9.10 7.16 1.16
C TRP A 453 -9.85 6.09 0.37
N GLY A 454 -11.14 5.96 0.64
CA GLY A 454 -11.97 4.99 -0.06
C GLY A 454 -13.25 5.61 -0.59
N GLU A 455 -14.04 4.88 -1.39
CA GLU A 455 -15.30 5.42 -1.91
C GLU A 455 -16.33 5.53 -0.81
N GLY A 456 -16.24 4.62 0.16
CA GLY A 456 -17.17 4.62 1.26
C GLY A 456 -17.03 5.72 2.31
N LYS A 457 -17.34 5.33 3.54
CA LYS A 457 -17.28 6.20 4.70
C LYS A 457 -16.18 5.71 5.63
N GLN A 458 -15.08 5.20 5.06
CA GLN A 458 -13.94 4.67 5.81
C GLN A 458 -13.79 5.26 7.21
N THR A 459 -13.39 4.42 8.15
CA THR A 459 -13.22 4.89 9.51
C THR A 459 -11.95 4.33 10.14
N TYR A 460 -11.29 5.17 10.94
CA TYR A 460 -10.02 4.81 11.59
C TYR A 460 -9.93 5.38 13.01
N GLY A 461 -10.05 4.52 14.01
CA GLY A 461 -9.93 4.99 15.38
C GLY A 461 -10.99 5.99 15.80
N ASP A 462 -10.59 7.01 16.55
CA ASP A 462 -11.52 8.04 17.02
C ASP A 462 -12.06 8.88 15.84
N ILE A 463 -11.54 8.64 14.64
CA ILE A 463 -12.00 9.42 13.48
C ILE A 463 -12.43 8.62 12.23
N GLU A 464 -13.33 9.22 11.46
CA GLU A 464 -13.81 8.60 10.22
C GLU A 464 -13.89 9.67 9.13
N VAL A 465 -13.31 9.31 7.99
CA VAL A 465 -13.27 10.18 6.82
C VAL A 465 -14.52 9.85 5.99
N ASP A 466 -14.73 10.59 4.91
CA ASP A 466 -15.88 10.35 4.06
C ASP A 466 -15.68 11.20 2.82
N LEU A 467 -15.17 10.58 1.77
CA LEU A 467 -14.92 11.28 0.52
C LEU A 467 -16.26 11.73 -0.04
N LYS A 468 -16.37 13.02 -0.32
CA LYS A 468 -17.60 13.62 -0.83
C LYS A 468 -17.57 13.95 -2.32
N ASP A 469 -16.46 14.44 -2.81
CA ASP A 469 -16.35 14.77 -4.21
C ASP A 469 -14.99 14.28 -4.68
N THR A 470 -14.87 13.99 -5.97
CA THR A 470 -13.61 13.54 -6.55
C THR A 470 -13.52 14.25 -7.90
N ASP A 471 -12.83 15.38 -7.95
CA ASP A 471 -12.73 16.14 -9.18
C ASP A 471 -11.41 16.01 -9.91
N LYS A 472 -11.47 15.41 -11.09
CA LYS A 472 -10.29 15.19 -11.92
C LYS A 472 -10.12 16.17 -13.06
N SER A 473 -8.86 16.56 -13.27
CA SER A 473 -8.48 17.46 -14.33
C SER A 473 -7.23 16.87 -14.97
N SER A 474 -6.99 17.26 -16.22
CA SER A 474 -5.84 16.81 -17.00
C SER A 474 -4.52 16.96 -16.26
N THR A 475 -4.50 17.85 -15.28
CA THR A 475 -3.30 18.16 -14.50
C THR A 475 -3.24 17.50 -13.11
N TYR A 476 -4.20 17.85 -12.27
CA TYR A 476 -4.24 17.31 -10.93
C TYR A 476 -5.68 16.87 -10.67
N THR A 477 -5.91 16.16 -9.58
CA THR A 477 -7.28 15.75 -9.26
C THR A 477 -7.50 16.15 -7.81
N LEU A 478 -8.68 16.72 -7.52
CA LEU A 478 -9.04 17.18 -6.18
C LEU A 478 -10.14 16.36 -5.52
N ARG A 479 -9.89 15.88 -4.31
CA ARG A 479 -10.86 15.09 -3.55
C ARG A 479 -11.28 15.83 -2.30
N VAL A 480 -12.57 16.03 -2.11
CA VAL A 480 -13.04 16.73 -0.93
C VAL A 480 -13.50 15.72 0.11
N PHE A 481 -12.92 15.78 1.29
CA PHE A 481 -13.31 14.86 2.33
C PHE A 481 -14.06 15.65 3.37
N GLU A 482 -14.86 14.95 4.15
CA GLU A 482 -15.58 15.57 5.25
C GLU A 482 -15.12 14.66 6.40
N LEU A 483 -14.58 15.27 7.45
CA LEU A 483 -14.07 14.51 8.59
C LEU A 483 -14.84 14.66 9.88
N ARG A 484 -14.97 13.56 10.61
CA ARG A 484 -15.67 13.58 11.88
C ARG A 484 -15.26 12.45 12.81
N HIS A 485 -15.53 12.65 14.10
CA HIS A 485 -15.27 11.64 15.14
C HIS A 485 -16.62 11.46 15.89
N SER A 486 -16.76 10.37 16.65
CA SER A 486 -17.98 10.07 17.39
C SER A 486 -18.64 11.29 18.04
N LYS A 487 -17.84 12.35 18.22
CA LYS A 487 -18.29 13.64 18.77
C LYS A 487 -18.89 14.48 17.61
N ARG A 488 -19.79 13.85 16.84
CA ARG A 488 -20.46 14.44 15.67
C ARG A 488 -20.80 15.93 15.68
N LYS A 489 -21.32 16.40 14.54
CA LYS A 489 -21.67 17.82 14.34
C LYS A 489 -20.37 18.63 14.49
N ASP A 490 -19.39 18.26 13.67
CA ASP A 490 -18.08 18.89 13.68
C ASP A 490 -17.46 18.74 12.29
N SER A 491 -18.03 17.84 11.50
CA SER A 491 -17.53 17.58 10.16
C SER A 491 -16.61 18.68 9.60
N ARG A 492 -15.33 18.34 9.51
CA ARG A 492 -14.34 19.26 8.99
C ARG A 492 -14.03 18.87 7.56
N THR A 493 -14.33 19.78 6.64
CA THR A 493 -14.07 19.53 5.24
C THR A 493 -12.56 19.70 4.96
N VAL A 494 -11.98 18.68 4.34
CA VAL A 494 -10.55 18.68 4.05
C VAL A 494 -10.30 18.43 2.57
N TYR A 495 -9.62 19.35 1.91
CA TYR A 495 -9.32 19.23 0.49
C TYR A 495 -8.01 18.54 0.25
N GLN A 496 -7.98 17.66 -0.75
CA GLN A 496 -6.76 16.97 -1.13
C GLN A 496 -6.57 17.23 -2.59
N TYR A 497 -5.37 17.65 -2.97
CA TYR A 497 -5.04 17.93 -4.36
C TYR A 497 -4.01 16.90 -4.72
N GLN A 498 -4.12 16.31 -5.90
CA GLN A 498 -3.15 15.29 -6.27
C GLN A 498 -2.48 15.58 -7.61
N TYR A 499 -1.24 16.04 -7.55
CA TYR A 499 -0.52 16.32 -8.78
C TYR A 499 0.01 15.02 -9.34
N THR A 500 -0.45 14.67 -10.52
CA THR A 500 -0.02 13.43 -11.16
C THR A 500 1.34 13.60 -11.86
N ASN A 501 1.34 14.48 -12.88
CA ASN A 501 2.50 14.87 -13.70
C ASN A 501 3.83 15.00 -12.98
N TRP A 502 4.29 14.00 -12.25
CA TRP A 502 5.56 14.17 -11.56
C TRP A 502 6.13 12.91 -10.92
N SER A 503 6.91 12.17 -11.71
CA SER A 503 7.55 10.93 -11.29
C SER A 503 8.85 11.24 -10.53
N VAL A 504 9.20 10.40 -9.56
CA VAL A 504 10.43 10.63 -8.81
C VAL A 504 11.62 10.39 -9.76
N GLU A 505 11.33 10.32 -11.06
CA GLU A 505 12.34 10.13 -12.09
C GLU A 505 12.62 11.50 -12.72
N GLN A 506 11.65 11.98 -13.51
CA GLN A 506 11.80 13.27 -14.16
C GLN A 506 11.48 14.38 -13.15
N LEU A 507 11.21 15.58 -13.67
CA LEU A 507 10.83 16.72 -12.83
C LEU A 507 9.51 17.21 -13.41
N PRO A 508 8.82 18.14 -12.74
CA PRO A 508 7.56 18.61 -13.31
C PRO A 508 7.69 18.78 -14.83
N ALA A 509 6.96 17.94 -15.56
CA ALA A 509 6.96 17.95 -17.01
C ALA A 509 6.51 19.30 -17.58
N GLU A 510 5.38 19.80 -17.10
CA GLU A 510 4.83 21.08 -17.55
C GLU A 510 4.73 22.03 -16.34
N PRO A 511 5.90 22.50 -15.85
CA PRO A 511 6.03 23.40 -14.71
C PRO A 511 4.96 24.48 -14.54
N LYS A 512 4.71 25.27 -15.58
CA LYS A 512 3.73 26.35 -15.52
C LYS A 512 2.44 25.95 -14.78
N GLU A 513 2.04 24.68 -14.91
CA GLU A 513 0.83 24.17 -14.28
C GLU A 513 1.06 23.67 -12.86
N LEU A 514 2.30 23.29 -12.55
CA LEU A 514 2.61 22.87 -11.20
C LEU A 514 2.44 24.15 -10.37
N ILE A 515 2.70 25.30 -10.99
CA ILE A 515 2.55 26.62 -10.35
C ILE A 515 1.08 26.96 -10.05
N SER A 516 0.21 26.71 -11.03
CA SER A 516 -1.23 26.98 -10.93
C SER A 516 -1.79 26.06 -9.84
N MSE A 517 -1.22 24.87 -9.78
CA MSE A 517 -1.60 23.89 -8.79
C MSE A 517 -1.50 24.60 -7.45
O MSE A 517 -2.34 24.44 -6.58
CB MSE A 517 -0.58 22.74 -8.82
CG MSE A 517 -1.19 21.38 -9.10
SE MSE A 517 -2.23 20.77 -7.63
CE MSE A 517 -0.84 19.94 -6.61
N ILE A 518 -0.44 25.39 -7.32
CA ILE A 518 -0.14 26.15 -6.12
C ILE A 518 -1.05 27.35 -5.95
N GLN A 519 -1.58 27.89 -7.05
CA GLN A 519 -2.47 29.04 -6.92
C GLN A 519 -3.65 28.56 -6.10
N VAL A 520 -4.39 27.63 -6.69
CA VAL A 520 -5.56 27.08 -6.06
C VAL A 520 -5.31 26.59 -4.63
N VAL A 521 -4.17 25.95 -4.41
CA VAL A 521 -3.83 25.46 -3.08
C VAL A 521 -3.78 26.63 -2.10
N LYS A 522 -2.95 27.62 -2.41
CA LYS A 522 -2.79 28.78 -1.54
C LYS A 522 -4.07 29.55 -1.37
N GLN A 523 -4.94 29.48 -2.36
CA GLN A 523 -6.18 30.21 -2.27
C GLN A 523 -7.25 29.44 -1.50
N LYS A 524 -6.94 28.21 -1.11
CA LYS A 524 -7.91 27.42 -0.37
C LYS A 524 -7.53 27.41 1.10
N LEU A 525 -6.40 28.04 1.40
CA LEU A 525 -5.88 28.13 2.76
C LEU A 525 -6.22 29.52 3.30
N PRO A 526 -6.69 29.58 4.55
CA PRO A 526 -7.07 30.83 5.22
C PRO A 526 -5.86 31.42 5.94
N GLN A 527 -5.34 32.52 5.40
CA GLN A 527 -4.13 33.17 5.94
C GLN A 527 -4.11 33.68 7.43
N LYS A 528 -3.12 33.17 8.18
CA LYS A 528 -2.82 33.51 9.59
C LYS A 528 -3.71 33.11 10.81
N ASN A 529 -3.70 31.82 11.16
CA ASN A 529 -4.47 31.26 12.30
C ASN A 529 -4.20 32.08 13.58
N THR A 540 -1.24 24.06 11.80
CA THR A 540 -0.69 23.91 10.45
C THR A 540 -1.76 23.56 9.39
N PRO A 541 -2.10 24.55 8.54
CA PRO A 541 -3.09 24.39 7.48
C PRO A 541 -2.74 23.44 6.35
N LEU A 542 -1.48 23.40 5.97
CA LEU A 542 -1.10 22.55 4.85
C LEU A 542 -0.24 21.35 5.22
N LEU A 543 -0.30 20.33 4.35
CA LEU A 543 0.46 19.11 4.53
C LEU A 543 0.84 18.65 3.13
N ILE A 544 2.11 18.32 2.90
CA ILE A 544 2.57 17.88 1.59
C ILE A 544 3.27 16.54 1.69
N HIS A 545 2.92 15.59 0.85
CA HIS A 545 3.59 14.30 0.92
C HIS A 545 3.92 13.63 -0.40
N CYS A 546 4.78 12.63 -0.30
CA CYS A 546 5.23 11.82 -1.43
C CYS A 546 5.94 10.67 -0.78
N ARG A 547 6.40 9.71 -1.56
CA ARG A 547 7.08 8.56 -1.00
C ARG A 547 7.69 8.79 0.37
N ASP A 548 8.78 9.57 0.39
CA ASP A 548 9.51 9.87 1.61
C ASP A 548 9.27 11.25 2.17
N GLY A 549 8.56 12.08 1.42
CA GLY A 549 8.27 13.42 1.88
C GLY A 549 9.45 14.35 1.90
N SER A 550 10.38 14.14 0.99
CA SER A 550 11.57 14.96 0.86
C SER A 550 11.91 15.04 -0.63
N GLN A 551 11.81 13.90 -1.30
CA GLN A 551 12.08 13.75 -2.73
C GLN A 551 11.52 14.90 -3.57
N GLN A 552 10.21 14.93 -3.73
CA GLN A 552 9.55 15.98 -4.51
C GLN A 552 9.01 17.04 -3.56
N THR A 553 8.57 16.61 -2.37
CA THR A 553 8.04 17.51 -1.35
C THR A 553 9.01 18.65 -1.07
N GLY A 554 10.29 18.39 -1.26
CA GLY A 554 11.28 19.43 -1.03
C GLY A 554 11.10 20.54 -2.06
N ILE A 555 11.06 20.16 -3.33
CA ILE A 555 10.92 21.12 -4.42
C ILE A 555 9.65 21.92 -4.25
N PHE A 556 8.62 21.28 -3.70
CA PHE A 556 7.34 21.95 -3.50
C PHE A 556 7.47 23.00 -2.41
N CYS A 557 7.86 22.58 -1.22
CA CYS A 557 7.99 23.50 -0.12
C CYS A 557 8.85 24.67 -0.52
N ALA A 558 9.98 24.36 -1.15
CA ALA A 558 10.91 25.40 -1.59
C ALA A 558 10.21 26.42 -2.47
N LEU A 559 9.34 25.94 -3.36
CA LEU A 559 8.63 26.81 -4.27
C LEU A 559 7.62 27.70 -3.58
N LEU A 560 6.91 27.15 -2.60
CA LEU A 560 5.90 27.91 -1.86
C LEU A 560 6.56 29.08 -1.19
N ASN A 561 7.69 28.80 -0.55
CA ASN A 561 8.42 29.85 0.12
C ASN A 561 9.00 30.88 -0.84
N LEU A 562 9.53 30.43 -1.98
CA LEU A 562 10.13 31.35 -2.94
C LEU A 562 9.04 32.16 -3.64
N LEU A 563 7.87 31.56 -3.78
CA LEU A 563 6.78 32.26 -4.42
C LEU A 563 6.28 33.37 -3.50
N GLU A 564 6.28 33.12 -2.20
CA GLU A 564 5.80 34.11 -1.24
C GLU A 564 6.68 35.34 -1.15
N SER A 565 7.97 35.17 -0.91
CA SER A 565 8.83 36.34 -0.85
C SER A 565 8.90 36.98 -2.22
N ALA A 566 8.62 36.19 -3.25
CA ALA A 566 8.65 36.68 -4.62
C ALA A 566 7.53 37.66 -4.83
N GLU A 567 6.48 37.52 -4.03
CA GLU A 567 5.32 38.39 -4.15
C GLU A 567 5.41 39.53 -3.14
N THR A 568 5.86 39.21 -1.93
CA THR A 568 5.95 40.21 -0.89
C THR A 568 7.25 41.00 -0.84
N GLU A 569 8.20 40.72 -1.73
CA GLU A 569 9.48 41.46 -1.74
C GLU A 569 10.12 41.59 -3.11
N GLU A 570 9.81 40.66 -3.99
CA GLU A 570 10.38 40.66 -5.32
C GLU A 570 11.84 40.29 -5.23
N VAL A 571 12.19 39.69 -4.11
CA VAL A 571 13.55 39.26 -3.86
C VAL A 571 13.45 37.75 -3.64
N VAL A 572 14.44 37.00 -4.12
CA VAL A 572 14.46 35.54 -3.98
C VAL A 572 15.84 35.02 -3.59
N ASP A 573 15.92 34.28 -2.48
CA ASP A 573 17.16 33.68 -1.99
C ASP A 573 17.01 32.16 -1.97
N ILE A 574 17.01 31.56 -3.14
CA ILE A 574 16.85 30.13 -3.31
C ILE A 574 17.81 29.32 -2.48
N PHE A 575 19.05 29.81 -2.39
CA PHE A 575 20.09 29.13 -1.62
C PHE A 575 19.67 28.98 -0.16
N GLN A 576 19.39 30.10 0.48
CA GLN A 576 19.00 30.05 1.90
C GLN A 576 17.69 29.30 2.14
N VAL A 577 16.75 29.42 1.20
CA VAL A 577 15.47 28.72 1.29
C VAL A 577 15.74 27.22 1.32
N VAL A 578 16.68 26.78 0.50
CA VAL A 578 17.03 25.38 0.41
C VAL A 578 17.90 24.98 1.59
N LYS A 579 18.72 25.91 2.05
CA LYS A 579 19.61 25.66 3.16
C LYS A 579 18.78 25.42 4.42
N ALA A 580 17.57 25.96 4.43
CA ALA A 580 16.69 25.81 5.59
C ALA A 580 16.01 24.46 5.58
N LEU A 581 15.61 24.04 4.39
CA LEU A 581 14.94 22.77 4.26
C LEU A 581 15.92 21.70 4.66
N ARG A 582 17.07 21.62 4.00
CA ARG A 582 18.04 20.60 4.34
C ARG A 582 18.18 20.52 5.85
N LYS A 583 18.08 21.67 6.52
CA LYS A 583 18.23 21.76 7.97
C LYS A 583 17.03 21.21 8.73
N ALA A 584 15.99 20.78 8.02
CA ALA A 584 14.78 20.26 8.67
C ALA A 584 14.47 18.80 8.36
N ARG A 585 14.90 18.33 7.21
CA ARG A 585 14.63 16.94 6.88
C ARG A 585 15.69 16.38 5.95
N LEU A 586 16.10 15.14 6.20
CA LEU A 586 17.10 14.57 5.32
C LEU A 586 16.38 14.28 4.00
N GLY A 587 16.78 14.95 2.91
CA GLY A 587 16.14 14.65 1.65
C GLY A 587 15.85 15.75 0.66
N MSE A 588 15.41 16.92 1.13
CA MSE A 588 15.06 18.06 0.26
C MSE A 588 16.14 18.37 -0.78
O MSE A 588 17.31 18.08 -0.58
CB MSE A 588 14.77 19.32 1.09
CG MSE A 588 14.34 19.10 2.55
SE MSE A 588 12.49 18.73 2.93
CE MSE A 588 11.90 20.40 3.63
N VAL A 589 15.73 19.00 -1.88
CA VAL A 589 16.63 19.35 -2.98
C VAL A 589 18.03 18.77 -2.79
N SER A 590 18.21 17.52 -3.21
CA SER A 590 19.49 16.86 -3.05
C SER A 590 20.33 16.81 -4.32
N THR A 591 19.71 17.15 -5.45
CA THR A 591 20.42 17.13 -6.72
C THR A 591 20.39 18.49 -7.40
N PHE A 592 21.44 18.79 -8.16
CA PHE A 592 21.53 20.06 -8.87
C PHE A 592 20.33 20.23 -9.79
N GLU A 593 19.84 19.11 -10.31
CA GLU A 593 18.69 19.09 -11.20
C GLU A 593 17.57 19.85 -10.54
N GLN A 594 17.25 19.44 -9.32
CA GLN A 594 16.21 20.07 -8.53
C GLN A 594 16.60 21.51 -8.19
N TYR A 595 17.81 21.70 -7.68
CA TYR A 595 18.27 23.03 -7.33
C TYR A 595 18.03 23.93 -8.50
N GLN A 596 18.75 23.67 -9.58
CA GLN A 596 18.61 24.46 -10.79
C GLN A 596 17.18 24.61 -11.24
N PHE A 597 16.33 23.67 -10.83
CA PHE A 597 14.93 23.74 -11.22
C PHE A 597 14.22 24.87 -10.51
N LEU A 598 14.59 25.13 -9.26
CA LEU A 598 13.96 26.20 -8.50
C LEU A 598 14.16 27.50 -9.25
N TYR A 599 15.38 27.70 -9.74
CA TYR A 599 15.74 28.91 -10.49
C TYR A 599 14.89 28.99 -11.76
N ASP A 600 14.84 27.89 -12.50
CA ASP A 600 14.07 27.83 -13.73
C ASP A 600 12.65 28.31 -13.56
N VAL A 601 11.86 27.64 -12.73
CA VAL A 601 10.45 28.02 -12.52
C VAL A 601 10.29 29.40 -11.89
N ILE A 602 11.09 29.73 -10.88
CA ILE A 602 10.94 31.06 -10.29
C ILE A 602 11.12 32.09 -11.39
N ALA A 603 12.14 31.86 -12.23
CA ALA A 603 12.48 32.76 -13.32
C ALA A 603 11.47 32.81 -14.45
N SER A 604 11.12 31.66 -14.99
CA SER A 604 10.18 31.61 -16.09
C SER A 604 8.80 32.14 -15.74
N THR A 605 8.42 32.10 -14.45
CA THR A 605 7.09 32.62 -14.07
C THR A 605 7.17 34.07 -13.58
N TYR A 606 8.06 34.86 -14.19
CA TYR A 606 8.28 36.29 -13.86
C TYR A 606 9.25 36.87 -14.90
N PRO A 607 8.76 37.18 -16.10
CA PRO A 607 9.60 37.75 -17.18
C PRO A 607 10.18 39.16 -16.91
N LYS B 2 -1.83 -8.16 -35.34
CA LYS B 2 -2.45 -8.94 -34.25
C LYS B 2 -3.15 -8.04 -33.22
N GLN B 3 -4.47 -8.20 -33.10
CA GLN B 3 -5.23 -7.42 -32.13
C GLN B 3 -5.73 -8.29 -31.00
N LEU B 4 -5.21 -7.98 -29.83
CA LEU B 4 -5.58 -8.63 -28.61
C LEU B 4 -6.49 -7.54 -28.08
N MSE B 5 -7.46 -7.91 -27.26
CA MSE B 5 -8.38 -6.94 -26.70
C MSE B 5 -7.75 -6.40 -25.43
O MSE B 5 -6.82 -6.99 -24.89
CB MSE B 5 -9.71 -7.61 -26.35
CG MSE B 5 -10.34 -8.38 -27.51
SE MSE B 5 -11.86 -9.44 -26.87
CE MSE B 5 -12.78 -8.08 -25.79
N ASN B 6 -8.23 -5.26 -24.97
CA ASN B 6 -7.70 -4.72 -23.72
C ASN B 6 -8.75 -5.04 -22.65
N VAL B 7 -8.67 -6.24 -22.09
CA VAL B 7 -9.62 -6.63 -21.07
C VAL B 7 -9.26 -6.05 -19.72
N GLU B 8 -10.28 -5.57 -19.02
CA GLU B 8 -10.08 -4.99 -17.71
C GLU B 8 -9.86 -6.11 -16.68
N PRO B 9 -8.73 -6.06 -15.95
CA PRO B 9 -8.39 -7.06 -14.93
C PRO B 9 -9.41 -7.08 -13.78
N ILE B 10 -10.16 -8.17 -13.67
CA ILE B 10 -11.19 -8.28 -12.63
C ILE B 10 -10.74 -8.19 -11.18
N HIS B 11 -11.44 -7.36 -10.42
CA HIS B 11 -11.14 -7.19 -9.01
C HIS B 11 -12.06 -8.14 -8.26
N ALA B 12 -11.57 -8.65 -7.14
CA ALA B 12 -12.31 -9.61 -6.29
C ALA B 12 -13.81 -9.38 -6.31
N ASP B 13 -14.24 -8.36 -5.58
CA ASP B 13 -15.66 -8.00 -5.48
C ASP B 13 -16.48 -8.27 -6.75
N ILE B 14 -16.24 -7.48 -7.81
CA ILE B 14 -16.98 -7.61 -9.06
C ILE B 14 -16.89 -8.97 -9.78
N LEU B 15 -15.88 -9.77 -9.40
CA LEU B 15 -15.65 -11.11 -9.99
C LEU B 15 -16.91 -11.97 -10.17
N LEU B 16 -17.64 -12.16 -9.06
CA LEU B 16 -18.85 -12.97 -9.07
C LEU B 16 -19.80 -12.61 -10.20
N GLU B 17 -20.09 -11.32 -10.30
CA GLU B 17 -21.01 -10.82 -11.32
C GLU B 17 -20.28 -10.64 -12.62
N THR B 18 -19.09 -10.07 -12.59
CA THR B 18 -18.37 -9.90 -13.84
C THR B 18 -18.53 -11.24 -14.53
N TYR B 19 -18.29 -12.29 -13.75
CA TYR B 19 -18.41 -13.65 -14.24
C TYR B 19 -19.81 -13.83 -14.82
N LYS B 20 -20.81 -13.60 -13.97
CA LYS B 20 -22.21 -13.73 -14.35
C LYS B 20 -22.56 -13.13 -15.72
N ARG B 21 -22.13 -11.89 -15.97
CA ARG B 21 -22.42 -11.25 -17.25
C ARG B 21 -21.53 -11.80 -18.35
N LYS B 22 -20.27 -12.03 -18.02
CA LYS B 22 -19.30 -12.54 -18.99
C LYS B 22 -19.81 -13.85 -19.62
N ILE B 23 -20.56 -14.62 -18.85
CA ILE B 23 -21.09 -15.91 -19.33
C ILE B 23 -22.41 -15.85 -20.08
N ALA B 24 -23.19 -14.80 -19.84
CA ALA B 24 -24.50 -14.60 -20.48
C ALA B 24 -24.48 -14.91 -22.00
N ASP B 25 -25.63 -15.38 -22.51
CA ASP B 25 -25.83 -15.76 -23.92
C ASP B 25 -24.77 -16.71 -24.52
N GLU B 26 -24.55 -17.83 -23.81
CA GLU B 26 -23.58 -18.85 -24.16
C GLU B 26 -22.21 -18.17 -24.14
N GLY B 27 -22.01 -17.38 -23.09
CA GLY B 27 -20.77 -16.64 -22.89
C GLY B 27 -20.00 -16.22 -24.13
N ARG B 28 -20.66 -15.49 -25.04
CA ARG B 28 -19.99 -14.98 -26.26
C ARG B 28 -18.94 -13.91 -25.91
N PRO B 29 -19.05 -13.28 -24.71
CA PRO B 29 -18.02 -12.29 -24.39
C PRO B 29 -16.74 -13.12 -24.29
N PHE B 30 -16.79 -14.15 -23.43
CA PHE B 30 -15.68 -15.07 -23.21
C PHE B 30 -15.18 -15.58 -24.55
N LEU B 31 -16.09 -16.15 -25.34
CA LEU B 31 -15.74 -16.69 -26.65
C LEU B 31 -14.79 -15.80 -27.48
N ALA B 32 -15.07 -14.49 -27.51
CA ALA B 32 -14.25 -13.54 -28.28
C ALA B 32 -12.95 -13.20 -27.52
N GLU B 33 -13.11 -12.97 -26.22
CA GLU B 33 -11.99 -12.68 -25.34
C GLU B 33 -10.96 -13.79 -25.60
N PHE B 34 -11.46 -15.02 -25.70
CA PHE B 34 -10.63 -16.21 -25.94
C PHE B 34 -10.23 -16.36 -27.41
N GLN B 35 -11.13 -16.00 -28.32
CA GLN B 35 -10.87 -16.13 -29.75
C GLN B 35 -9.85 -15.12 -30.26
N SER B 36 -9.55 -14.11 -29.46
CA SER B 36 -8.59 -13.10 -29.86
C SER B 36 -7.14 -13.54 -29.65
N ILE B 37 -6.89 -14.33 -28.60
CA ILE B 37 -5.56 -14.82 -28.26
C ILE B 37 -5.06 -15.80 -29.32
N PRO B 38 -3.98 -15.43 -30.02
CA PRO B 38 -3.45 -16.29 -31.07
C PRO B 38 -3.00 -17.69 -30.65
N ARG B 39 -3.18 -18.63 -31.57
CA ARG B 39 -2.79 -20.04 -31.42
C ARG B 39 -1.33 -20.01 -30.98
N VAL B 40 -0.50 -19.46 -31.85
CA VAL B 40 0.93 -19.33 -31.64
C VAL B 40 1.32 -17.87 -31.89
N PHE B 41 2.60 -17.56 -31.68
CA PHE B 41 3.13 -16.24 -31.95
C PHE B 41 4.20 -16.47 -32.99
N SER B 42 3.88 -16.02 -34.19
CA SER B 42 4.71 -16.17 -35.37
C SER B 42 6.15 -15.65 -35.25
N LYS B 43 6.38 -14.66 -34.39
CA LYS B 43 7.72 -14.12 -34.23
C LYS B 43 8.67 -15.12 -33.58
N PHE B 44 8.33 -15.63 -32.40
CA PHE B 44 9.19 -16.58 -31.70
C PHE B 44 9.52 -17.81 -32.53
N PRO B 45 10.76 -17.89 -33.04
CA PRO B 45 11.25 -19.01 -33.86
C PRO B 45 11.06 -20.40 -33.26
N ILE B 46 10.81 -21.36 -34.14
CA ILE B 46 10.59 -22.74 -33.76
C ILE B 46 11.36 -23.56 -34.81
N LYS B 47 12.69 -23.51 -34.72
CA LYS B 47 13.53 -24.20 -35.69
C LYS B 47 14.12 -25.50 -35.20
N GLU B 48 14.09 -25.73 -33.89
CA GLU B 48 14.65 -26.95 -33.31
C GLU B 48 13.64 -28.06 -33.20
N ALA B 49 12.42 -27.70 -32.86
CA ALA B 49 11.37 -28.71 -32.72
C ALA B 49 11.10 -29.34 -34.09
N ARG B 50 11.47 -28.62 -35.14
CA ARG B 50 11.21 -29.07 -36.49
C ARG B 50 12.31 -29.86 -37.20
N LYS B 51 13.51 -29.90 -36.63
CA LYS B 51 14.57 -30.65 -37.27
C LYS B 51 14.12 -32.11 -37.43
N PRO B 52 14.68 -32.84 -38.39
CA PRO B 52 14.36 -34.24 -38.67
C PRO B 52 14.71 -35.27 -37.60
N PHE B 53 15.89 -35.15 -37.02
CA PHE B 53 16.30 -36.09 -35.99
C PHE B 53 15.48 -35.83 -34.72
N ASN B 54 14.56 -34.89 -34.82
CA ASN B 54 13.74 -34.54 -33.68
C ASN B 54 12.25 -34.60 -33.95
N GLN B 55 11.83 -35.21 -35.06
CA GLN B 55 10.40 -35.27 -35.31
C GLN B 55 9.69 -36.47 -34.67
N ASN B 56 10.41 -37.55 -34.39
CA ASN B 56 9.77 -38.68 -33.75
C ASN B 56 9.64 -38.40 -32.27
N LYS B 57 10.22 -37.28 -31.83
CA LYS B 57 10.20 -36.88 -30.43
C LYS B 57 8.96 -36.06 -30.06
N ASN B 58 8.15 -35.75 -31.06
CA ASN B 58 6.93 -35.02 -30.83
C ASN B 58 5.76 -35.99 -30.87
N ARG B 59 4.64 -35.61 -30.25
CA ARG B 59 3.46 -36.47 -30.24
C ARG B 59 2.48 -35.98 -31.33
N TYR B 60 2.47 -34.66 -31.53
CA TYR B 60 1.62 -33.99 -32.51
C TYR B 60 2.48 -32.89 -33.08
N VAL B 61 2.50 -32.74 -34.39
CA VAL B 61 3.31 -31.67 -35.02
C VAL B 61 2.55 -30.35 -34.89
N ASP B 62 1.34 -30.45 -34.39
CA ASP B 62 0.49 -29.30 -34.18
C ASP B 62 1.07 -28.43 -33.06
N ILE B 63 1.71 -29.09 -32.08
CA ILE B 63 2.32 -28.42 -30.93
C ILE B 63 3.84 -28.58 -30.89
N LEU B 64 4.54 -27.46 -31.04
CA LEU B 64 6.00 -27.47 -31.00
C LEU B 64 6.52 -26.36 -30.08
N PRO B 65 7.53 -26.67 -29.26
CA PRO B 65 8.07 -25.67 -28.35
C PRO B 65 8.83 -24.53 -29.02
N TYR B 66 8.60 -23.30 -28.57
CA TYR B 66 9.31 -22.16 -29.13
C TYR B 66 10.79 -22.45 -28.92
N ASP B 67 11.65 -21.84 -29.73
CA ASP B 67 13.08 -22.10 -29.60
C ASP B 67 13.70 -21.44 -28.38
N TYR B 68 13.21 -20.26 -28.02
CA TYR B 68 13.79 -19.51 -26.93
C TYR B 68 13.66 -20.07 -25.53
N ASN B 69 12.50 -20.59 -25.16
CA ASN B 69 12.36 -21.10 -23.80
C ASN B 69 12.27 -22.61 -23.73
N ARG B 70 12.58 -23.27 -24.84
CA ARG B 70 12.57 -24.72 -24.90
C ARG B 70 13.48 -25.26 -23.83
N VAL B 71 13.04 -26.31 -23.13
CA VAL B 71 13.88 -26.91 -22.12
C VAL B 71 14.89 -27.78 -22.85
N GLU B 72 16.15 -27.69 -22.46
CA GLU B 72 17.18 -28.47 -23.13
C GLU B 72 17.70 -29.57 -22.25
N LEU B 73 18.21 -30.61 -22.89
CA LEU B 73 18.78 -31.75 -22.21
C LEU B 73 20.29 -31.65 -22.35
N SER B 74 21.02 -32.33 -21.49
CA SER B 74 22.47 -32.31 -21.57
C SER B 74 22.86 -32.93 -22.92
N GLU B 75 23.59 -32.17 -23.73
CA GLU B 75 24.00 -32.65 -25.04
C GLU B 75 24.85 -33.89 -24.93
N ILE B 76 24.31 -35.02 -25.37
CA ILE B 76 25.08 -36.25 -25.35
C ILE B 76 25.87 -36.20 -26.64
N ASN B 77 27.16 -35.94 -26.56
CA ASN B 77 28.01 -35.84 -27.74
C ASN B 77 27.84 -36.98 -28.72
N GLY B 78 27.79 -36.64 -30.02
CA GLY B 78 27.62 -37.64 -31.05
C GLY B 78 26.18 -37.66 -31.52
N ASP B 79 25.27 -38.05 -30.62
CA ASP B 79 23.84 -38.10 -30.91
C ASP B 79 23.33 -36.73 -31.32
N ALA B 80 23.13 -36.55 -32.62
CA ALA B 80 22.66 -35.30 -33.17
C ALA B 80 21.36 -34.85 -32.50
N GLY B 81 21.32 -33.60 -32.08
CA GLY B 81 20.12 -33.08 -31.46
C GLY B 81 19.62 -33.83 -30.25
N SER B 82 20.52 -34.37 -29.45
CA SER B 82 20.14 -35.08 -28.25
C SER B 82 19.85 -34.09 -27.15
N ASN B 83 19.68 -32.82 -27.52
CA ASN B 83 19.41 -31.79 -26.54
C ASN B 83 17.92 -31.42 -26.53
N TYR B 84 17.22 -31.84 -27.58
CA TYR B 84 15.79 -31.56 -27.74
C TYR B 84 14.82 -32.51 -27.06
N ILE B 85 13.80 -31.90 -26.48
CA ILE B 85 12.71 -32.58 -25.80
C ILE B 85 11.56 -31.60 -25.92
N ASN B 86 10.36 -32.12 -26.08
CA ASN B 86 9.20 -31.28 -26.22
C ASN B 86 8.70 -30.78 -24.87
N ALA B 87 9.23 -29.64 -24.43
CA ALA B 87 8.82 -29.06 -23.16
C ALA B 87 9.23 -27.60 -23.14
N SER B 88 8.46 -26.77 -22.45
CA SER B 88 8.75 -25.34 -22.39
C SER B 88 8.71 -24.82 -20.96
N TYR B 89 9.61 -23.92 -20.61
CA TYR B 89 9.61 -23.34 -19.27
C TYR B 89 8.44 -22.35 -19.22
N ILE B 90 7.69 -22.35 -18.12
CA ILE B 90 6.57 -21.42 -17.99
C ILE B 90 6.71 -20.53 -16.77
N ASP B 91 6.43 -19.25 -16.93
CA ASP B 91 6.57 -18.29 -15.84
C ASP B 91 5.31 -18.22 -14.98
N GLY B 92 5.51 -18.11 -13.67
CA GLY B 92 4.38 -18.00 -12.77
C GLY B 92 3.97 -16.56 -12.61
N PHE B 93 3.18 -16.28 -11.59
CA PHE B 93 2.72 -14.93 -11.32
C PHE B 93 3.94 -14.04 -11.09
N LYS B 94 5.02 -14.67 -10.63
CA LYS B 94 6.28 -13.98 -10.36
C LYS B 94 7.43 -14.94 -10.67
N GLU B 95 7.69 -15.88 -9.79
CA GLU B 95 8.73 -16.86 -9.98
C GLU B 95 8.89 -17.20 -11.47
N PRO B 96 10.00 -16.79 -12.07
CA PRO B 96 10.19 -17.08 -13.49
C PRO B 96 10.60 -18.53 -13.64
N ARG B 97 10.03 -19.19 -14.65
CA ARG B 97 10.29 -20.60 -14.92
C ARG B 97 9.93 -21.44 -13.71
N LYS B 98 8.75 -21.16 -13.18
CA LYS B 98 8.20 -21.87 -12.02
C LYS B 98 7.82 -23.28 -12.45
N TYR B 99 7.30 -23.40 -13.67
CA TYR B 99 6.84 -24.67 -14.23
C TYR B 99 7.51 -25.07 -15.54
N ILE B 100 7.20 -26.29 -15.95
CA ILE B 100 7.67 -26.83 -17.21
C ILE B 100 6.47 -27.47 -17.89
N ALA B 101 6.01 -26.86 -18.97
CA ALA B 101 4.87 -27.40 -19.71
C ALA B 101 5.43 -28.44 -20.66
N ALA B 102 5.23 -29.71 -20.32
CA ALA B 102 5.74 -30.82 -21.12
C ALA B 102 4.70 -31.68 -21.81
N GLN B 103 5.03 -32.08 -23.04
CA GLN B 103 4.19 -32.94 -23.82
C GLN B 103 4.30 -34.30 -23.15
N GLY B 104 3.24 -35.08 -23.15
CA GLY B 104 3.31 -36.40 -22.55
C GLY B 104 4.37 -37.20 -23.30
N PRO B 105 5.30 -37.82 -22.59
CA PRO B 105 6.35 -38.58 -23.24
C PRO B 105 5.82 -39.70 -24.11
N ARG B 106 6.60 -40.09 -25.10
CA ARG B 106 6.23 -41.18 -25.98
C ARG B 106 7.06 -42.36 -25.53
N ASP B 107 6.71 -43.55 -25.97
CA ASP B 107 7.48 -44.70 -25.60
C ASP B 107 8.89 -44.41 -26.06
N GLU B 108 8.97 -43.77 -27.22
CA GLU B 108 10.24 -43.42 -27.83
C GLU B 108 10.92 -42.28 -27.11
N THR B 109 10.30 -41.83 -26.03
CA THR B 109 10.80 -40.68 -25.28
C THR B 109 10.89 -40.84 -23.74
N VAL B 110 10.43 -41.94 -23.19
CA VAL B 110 10.46 -42.11 -21.73
C VAL B 110 11.80 -41.76 -21.10
N ASP B 111 12.88 -42.35 -21.59
CA ASP B 111 14.19 -42.04 -21.05
C ASP B 111 14.44 -40.53 -21.01
N ASP B 112 14.33 -39.86 -22.15
CA ASP B 112 14.53 -38.41 -22.22
C ASP B 112 13.63 -37.66 -21.26
N PHE B 113 12.52 -38.27 -20.87
CA PHE B 113 11.64 -37.59 -19.95
C PHE B 113 12.25 -37.61 -18.56
N TRP B 114 12.71 -38.77 -18.12
CA TRP B 114 13.29 -38.88 -16.79
C TRP B 114 14.61 -38.17 -16.67
N ARG B 115 15.31 -37.99 -17.80
CA ARG B 115 16.58 -37.30 -17.83
C ARG B 115 16.32 -35.84 -17.51
N MSE B 116 15.29 -35.28 -18.15
CA MSE B 116 14.91 -33.91 -17.90
C MSE B 116 14.50 -33.70 -16.43
O MSE B 116 14.64 -32.61 -15.91
CB MSE B 116 13.75 -33.52 -18.81
CG MSE B 116 13.27 -32.11 -18.55
SE MSE B 116 11.62 -31.71 -19.41
CE MSE B 116 10.48 -32.62 -18.13
N ILE B 117 14.00 -34.73 -15.78
CA ILE B 117 13.57 -34.64 -14.38
C ILE B 117 14.78 -34.64 -13.46
N TRP B 118 15.85 -35.30 -13.90
CA TRP B 118 17.07 -35.37 -13.12
C TRP B 118 17.83 -34.07 -13.30
N GLU B 119 18.05 -33.71 -14.56
CA GLU B 119 18.77 -32.49 -14.90
C GLU B 119 18.16 -31.20 -14.38
N GLN B 120 16.84 -31.06 -14.45
CA GLN B 120 16.18 -29.85 -13.97
C GLN B 120 15.97 -29.90 -12.49
N LYS B 121 16.35 -31.02 -11.88
CA LYS B 121 16.19 -31.21 -10.43
C LYS B 121 14.76 -30.96 -9.97
N ALA B 122 13.81 -31.56 -10.69
CA ALA B 122 12.41 -31.40 -10.36
C ALA B 122 12.06 -32.48 -9.36
N THR B 123 11.20 -32.14 -8.41
CA THR B 123 10.75 -33.04 -7.36
C THR B 123 9.22 -33.10 -7.32
N VAL B 124 8.58 -32.48 -8.29
CA VAL B 124 7.12 -32.42 -8.40
C VAL B 124 6.65 -32.54 -9.84
N ILE B 125 5.99 -33.65 -10.14
CA ILE B 125 5.44 -33.90 -11.46
C ILE B 125 3.91 -33.86 -11.31
N VAL B 126 3.27 -33.01 -12.12
CA VAL B 126 1.82 -32.89 -12.10
C VAL B 126 1.27 -33.43 -13.42
N MSE B 127 0.81 -34.68 -13.37
CA MSE B 127 0.26 -35.35 -14.55
C MSE B 127 -1.24 -35.18 -14.59
O MSE B 127 -1.97 -35.75 -13.79
CB MSE B 127 0.58 -36.84 -14.51
CG MSE B 127 -0.05 -37.60 -15.65
SE MSE B 127 0.42 -39.43 -15.62
CE MSE B 127 -0.60 -39.98 -17.16
N VAL B 128 -1.70 -34.38 -15.54
CA VAL B 128 -3.11 -34.13 -15.66
C VAL B 128 -3.62 -34.80 -16.92
N THR B 129 -3.76 -36.11 -16.88
CA THR B 129 -4.25 -36.87 -18.02
C THR B 129 -4.19 -38.36 -17.73
N ARG B 130 -4.69 -39.15 -18.68
CA ARG B 130 -4.64 -40.58 -18.53
C ARG B 130 -3.83 -41.03 -19.71
N CYS B 131 -3.18 -42.18 -19.57
CA CYS B 131 -2.35 -42.73 -20.62
C CYS B 131 -3.14 -43.19 -21.86
N GLU B 132 -4.38 -43.60 -21.63
CA GLU B 132 -5.26 -44.05 -22.70
C GLU B 132 -6.55 -43.27 -22.66
N GLU B 133 -7.02 -42.85 -23.83
CA GLU B 133 -8.24 -42.08 -23.97
C GLU B 133 -8.89 -42.35 -25.32
N GLY B 134 -10.03 -43.02 -25.30
CA GLY B 134 -10.68 -43.32 -26.56
C GLY B 134 -9.91 -44.37 -27.34
N ASN B 135 -9.29 -45.31 -26.61
CA ASN B 135 -8.53 -46.38 -27.24
C ASN B 135 -7.39 -45.78 -28.06
N ARG B 136 -7.12 -44.52 -27.78
CA ARG B 136 -6.04 -43.76 -28.40
C ARG B 136 -5.06 -43.52 -27.26
N ASN B 137 -3.77 -43.62 -27.55
CA ASN B 137 -2.75 -43.40 -26.53
C ASN B 137 -2.44 -41.92 -26.40
N LYS B 138 -2.49 -41.42 -25.17
CA LYS B 138 -2.21 -40.01 -24.97
C LYS B 138 -0.91 -39.77 -24.20
N CYS B 139 -0.42 -40.79 -23.50
CA CYS B 139 0.81 -40.65 -22.75
C CYS B 139 1.37 -42.01 -22.37
N ALA B 140 2.66 -42.22 -22.62
CA ALA B 140 3.31 -43.49 -22.29
C ALA B 140 3.38 -43.59 -20.79
N GLU B 141 3.48 -44.80 -20.25
CA GLU B 141 3.56 -44.89 -18.81
C GLU B 141 5.02 -44.90 -18.45
N TYR B 142 5.45 -43.80 -17.86
CA TYR B 142 6.84 -43.64 -17.51
C TYR B 142 7.18 -44.06 -16.10
N TRP B 143 6.35 -44.87 -15.46
CA TRP B 143 6.67 -45.26 -14.09
C TRP B 143 6.37 -46.71 -13.75
N PRO B 144 7.07 -47.24 -12.74
CA PRO B 144 6.92 -48.63 -12.29
C PRO B 144 5.63 -48.85 -11.53
N SER B 145 4.98 -49.96 -11.85
CA SER B 145 3.75 -50.32 -11.17
C SER B 145 4.20 -50.53 -9.73
N MSE B 146 3.29 -50.34 -8.79
CA MSE B 146 3.64 -50.52 -7.39
C MSE B 146 4.22 -51.92 -7.24
O MSE B 146 5.08 -52.17 -6.38
CB MSE B 146 2.40 -50.36 -6.49
CG MSE B 146 2.69 -50.49 -4.97
SE MSE B 146 3.83 -49.10 -4.15
CE MSE B 146 5.49 -50.09 -3.90
N GLU B 147 3.79 -52.83 -8.11
CA GLU B 147 4.27 -54.21 -8.06
C GLU B 147 5.67 -54.46 -8.64
N GLU B 148 6.00 -53.94 -9.82
CA GLU B 148 7.36 -54.16 -10.33
C GLU B 148 8.36 -53.44 -9.44
N GLY B 149 7.84 -52.60 -8.55
CA GLY B 149 8.64 -51.85 -7.58
C GLY B 149 9.64 -50.80 -8.05
N THR B 150 10.54 -51.20 -8.93
CA THR B 150 11.56 -50.30 -9.44
C THR B 150 11.80 -50.52 -10.91
N ARG B 151 12.13 -49.46 -11.62
CA ARG B 151 12.43 -49.56 -13.04
C ARG B 151 13.35 -48.41 -13.37
N ALA B 152 14.32 -48.70 -14.22
CA ALA B 152 15.29 -47.69 -14.58
C ALA B 152 15.08 -47.29 -16.00
N PHE B 153 15.02 -45.99 -16.22
CA PHE B 153 14.85 -45.45 -17.56
C PHE B 153 16.17 -44.83 -17.92
N GLY B 154 16.97 -45.56 -18.67
CA GLY B 154 18.28 -45.07 -19.04
C GLY B 154 19.13 -45.13 -17.79
N ASP B 155 19.73 -44.00 -17.42
CA ASP B 155 20.57 -43.97 -16.23
C ASP B 155 19.76 -43.56 -15.00
N VAL B 156 18.48 -43.26 -15.20
CA VAL B 156 17.63 -42.83 -14.09
C VAL B 156 16.83 -43.98 -13.49
N VAL B 157 17.13 -44.33 -12.25
CA VAL B 157 16.43 -45.43 -11.60
C VAL B 157 15.29 -44.90 -10.77
N VAL B 158 14.07 -45.29 -11.14
CA VAL B 158 12.88 -44.86 -10.42
C VAL B 158 12.27 -45.99 -9.56
N LYS B 159 12.22 -45.75 -8.26
CA LYS B 159 11.66 -46.70 -7.31
C LYS B 159 10.45 -46.08 -6.66
N ILE B 160 9.37 -46.82 -6.64
CA ILE B 160 8.14 -46.31 -6.05
C ILE B 160 7.97 -46.81 -4.61
N ASN B 161 7.58 -45.89 -3.74
CA ASN B 161 7.42 -46.24 -2.35
C ASN B 161 5.95 -46.25 -1.95
N GLN B 162 5.17 -45.34 -2.54
CA GLN B 162 3.76 -45.22 -2.22
C GLN B 162 2.86 -44.96 -3.42
N HIS B 163 1.68 -45.55 -3.35
CA HIS B 163 0.67 -45.41 -4.37
C HIS B 163 -0.63 -45.22 -3.58
N LYS B 164 -1.09 -43.98 -3.48
CA LYS B 164 -2.30 -43.62 -2.76
C LYS B 164 -3.38 -43.20 -3.76
N ARG B 165 -4.20 -44.15 -4.19
CA ARG B 165 -5.29 -43.93 -5.18
C ARG B 165 -6.58 -43.29 -4.66
N CYS B 166 -6.69 -41.98 -4.83
CA CYS B 166 -7.86 -41.21 -4.40
C CYS B 166 -8.89 -41.15 -5.54
N PRO B 167 -10.10 -40.64 -5.25
CA PRO B 167 -11.25 -40.49 -6.16
C PRO B 167 -11.01 -39.79 -7.48
N ASP B 168 -10.19 -38.74 -7.46
CA ASP B 168 -9.92 -37.98 -8.68
C ASP B 168 -8.48 -38.09 -9.14
N TYR B 169 -7.56 -38.21 -8.19
CA TYR B 169 -6.15 -38.32 -8.55
C TYR B 169 -5.43 -39.42 -7.75
N ILE B 170 -4.28 -39.87 -8.26
CA ILE B 170 -3.50 -40.90 -7.55
C ILE B 170 -2.10 -40.33 -7.25
N ILE B 171 -1.76 -40.27 -5.96
CA ILE B 171 -0.48 -39.72 -5.54
C ILE B 171 0.59 -40.76 -5.26
N GLN B 172 1.65 -40.70 -6.05
CA GLN B 172 2.75 -41.62 -5.90
C GLN B 172 3.95 -40.92 -5.25
N LYS B 173 4.73 -41.71 -4.52
CA LYS B 173 5.91 -41.21 -3.83
C LYS B 173 7.09 -41.98 -4.41
N LEU B 174 7.80 -41.36 -5.36
CA LEU B 174 8.95 -41.98 -6.03
C LEU B 174 10.32 -41.52 -5.53
N ASN B 175 11.32 -42.35 -5.77
CA ASN B 175 12.71 -42.05 -5.38
C ASN B 175 13.57 -42.31 -6.60
N ILE B 176 14.10 -41.25 -7.19
CA ILE B 176 14.97 -41.40 -8.35
C ILE B 176 16.45 -41.18 -7.97
N VAL B 177 17.35 -41.81 -8.73
CA VAL B 177 18.78 -41.69 -8.52
C VAL B 177 19.46 -41.97 -9.86
N ASN B 178 20.45 -41.16 -10.22
CA ASN B 178 21.17 -41.38 -11.45
C ASN B 178 22.25 -42.38 -11.04
N LYS B 179 22.44 -43.45 -11.78
CA LYS B 179 23.45 -44.41 -11.35
C LYS B 179 24.82 -44.33 -11.99
N LYS B 180 24.97 -43.45 -12.98
CA LYS B 180 26.27 -43.23 -13.59
C LYS B 180 26.95 -42.35 -12.53
N GLU B 181 26.35 -41.20 -12.26
CA GLU B 181 26.84 -40.29 -11.21
C GLU B 181 26.60 -41.08 -9.93
N LYS B 182 27.57 -41.16 -9.04
CA LYS B 182 27.33 -41.92 -7.82
C LYS B 182 26.04 -41.45 -7.11
N ALA B 183 25.00 -42.22 -7.40
CA ALA B 183 23.63 -42.05 -6.93
C ALA B 183 23.30 -41.55 -5.56
N THR B 184 22.55 -40.44 -5.51
CA THR B 184 22.05 -39.89 -4.26
C THR B 184 20.62 -39.53 -4.58
N GLY B 185 19.75 -40.52 -4.41
CA GLY B 185 18.34 -40.37 -4.67
C GLY B 185 17.68 -39.13 -4.11
N ARG B 186 16.64 -38.72 -4.82
CA ARG B 186 15.87 -37.55 -4.46
C ARG B 186 14.42 -38.02 -4.42
N GLU B 187 13.66 -37.45 -3.49
CA GLU B 187 12.25 -37.78 -3.26
C GLU B 187 11.34 -37.06 -4.25
N VAL B 188 10.73 -37.82 -5.17
CA VAL B 188 9.83 -37.24 -6.18
C VAL B 188 8.34 -37.49 -5.90
N THR B 189 7.51 -36.48 -6.14
CA THR B 189 6.07 -36.58 -5.95
C THR B 189 5.36 -36.50 -7.28
N HIS B 190 4.57 -37.53 -7.57
CA HIS B 190 3.85 -37.64 -8.82
C HIS B 190 2.33 -37.76 -8.62
N ILE B 191 1.59 -36.69 -8.92
CA ILE B 191 0.13 -36.73 -8.80
C ILE B 191 -0.40 -36.94 -10.20
N GLN B 192 -1.45 -37.74 -10.29
CA GLN B 192 -2.11 -38.00 -11.56
C GLN B 192 -3.58 -37.70 -11.38
N PHE B 193 -4.07 -36.68 -12.09
CA PHE B 193 -5.47 -36.30 -12.01
C PHE B 193 -6.21 -37.04 -13.11
N THR B 194 -7.21 -37.83 -12.74
CA THR B 194 -7.97 -38.64 -13.70
C THR B 194 -9.38 -38.22 -14.02
N SER B 195 -9.86 -37.17 -13.38
CA SER B 195 -11.20 -36.70 -13.61
C SER B 195 -11.18 -35.52 -14.55
N TRP B 196 -10.21 -35.49 -15.45
CA TRP B 196 -10.07 -34.39 -16.39
C TRP B 196 -9.94 -34.92 -17.81
N PRO B 197 -11.00 -34.79 -18.61
CA PRO B 197 -11.05 -35.24 -20.01
C PRO B 197 -10.31 -34.38 -21.01
N ASP B 198 -9.55 -35.05 -21.89
CA ASP B 198 -8.78 -34.41 -22.95
C ASP B 198 -9.67 -33.44 -23.70
N HIS B 199 -9.14 -32.27 -24.09
CA HIS B 199 -9.93 -31.27 -24.82
C HIS B 199 -11.16 -30.78 -24.04
N GLY B 200 -11.34 -31.24 -22.81
CA GLY B 200 -12.51 -30.83 -22.05
C GLY B 200 -12.20 -30.39 -20.65
N VAL B 201 -13.22 -30.33 -19.78
CA VAL B 201 -13.03 -29.88 -18.40
C VAL B 201 -13.56 -30.87 -17.38
N PRO B 202 -13.18 -30.72 -16.10
CA PRO B 202 -13.64 -31.61 -15.03
C PRO B 202 -15.12 -31.40 -14.66
N GLU B 203 -15.61 -32.25 -13.76
CA GLU B 203 -17.00 -32.20 -13.31
C GLU B 203 -17.31 -30.97 -12.50
N ASP B 204 -16.39 -30.63 -11.61
CA ASP B 204 -16.59 -29.49 -10.74
C ASP B 204 -15.32 -28.69 -10.48
N PRO B 205 -15.41 -27.34 -10.53
CA PRO B 205 -14.26 -26.47 -10.30
C PRO B 205 -13.52 -26.74 -9.00
N HIS B 206 -14.18 -27.37 -8.03
CA HIS B 206 -13.51 -27.65 -6.76
C HIS B 206 -12.48 -28.75 -6.90
N LEU B 207 -12.64 -29.60 -7.91
CA LEU B 207 -11.70 -30.68 -8.12
C LEU B 207 -10.36 -30.10 -8.48
N LEU B 208 -10.36 -28.96 -9.17
CA LEU B 208 -9.13 -28.29 -9.57
C LEU B 208 -8.57 -27.50 -8.42
N LEU B 209 -9.42 -26.76 -7.71
CA LEU B 209 -8.96 -26.00 -6.56
C LEU B 209 -8.45 -27.04 -5.57
N LYS B 210 -8.78 -28.29 -5.86
CA LYS B 210 -8.37 -29.42 -5.05
C LYS B 210 -6.92 -29.81 -5.32
N LEU B 211 -6.63 -30.36 -6.50
CA LEU B 211 -5.26 -30.76 -6.75
C LEU B 211 -4.30 -29.59 -6.63
N ARG B 212 -4.79 -28.37 -6.80
CA ARG B 212 -3.92 -27.20 -6.66
C ARG B 212 -3.56 -27.10 -5.18
N ARG B 213 -4.54 -27.42 -4.35
CA ARG B 213 -4.33 -27.39 -2.90
C ARG B 213 -3.32 -28.46 -2.55
N ARG B 214 -3.37 -29.59 -3.25
CA ARG B 214 -2.46 -30.70 -2.97
C ARG B 214 -1.04 -30.50 -3.45
N VAL B 215 -0.87 -30.03 -4.69
CA VAL B 215 0.49 -29.82 -5.22
C VAL B 215 1.25 -28.72 -4.47
N ASN B 216 0.59 -27.59 -4.24
CA ASN B 216 1.20 -26.47 -3.54
C ASN B 216 1.57 -26.90 -2.13
N ALA B 217 1.30 -28.14 -1.80
CA ALA B 217 1.58 -28.64 -0.46
C ALA B 217 2.81 -29.52 -0.45
N PHE B 218 3.26 -29.95 -1.63
CA PHE B 218 4.42 -30.83 -1.73
C PHE B 218 5.82 -30.20 -1.58
N SER B 219 6.78 -31.07 -1.29
CA SER B 219 8.16 -30.69 -1.09
C SER B 219 8.89 -30.49 -2.42
N ASN B 220 9.46 -29.30 -2.62
CA ASN B 220 10.21 -29.01 -3.83
C ASN B 220 11.61 -28.58 -3.41
N PHE B 221 12.38 -29.55 -2.96
CA PHE B 221 13.74 -29.35 -2.47
C PHE B 221 14.66 -28.36 -3.18
N PHE B 222 15.05 -28.67 -4.41
CA PHE B 222 15.98 -27.84 -5.17
C PHE B 222 15.39 -26.60 -5.78
N SER B 223 14.19 -26.21 -5.39
CA SER B 223 13.62 -25.02 -6.00
C SER B 223 13.66 -25.28 -7.47
N GLY B 224 13.33 -26.51 -7.86
CA GLY B 224 13.35 -26.86 -9.25
C GLY B 224 12.07 -26.47 -9.92
N PRO B 225 11.99 -26.59 -11.24
CA PRO B 225 10.76 -26.23 -11.94
C PRO B 225 9.73 -27.31 -11.68
N ILE B 226 8.45 -26.97 -11.87
CA ILE B 226 7.40 -27.95 -11.66
C ILE B 226 6.94 -28.45 -13.02
N VAL B 227 7.01 -29.76 -13.16
CA VAL B 227 6.64 -30.42 -14.38
C VAL B 227 5.15 -30.67 -14.40
N VAL B 228 4.47 -29.97 -15.30
CA VAL B 228 3.03 -30.13 -15.48
C VAL B 228 2.92 -30.65 -16.90
N HIS B 229 2.19 -31.73 -17.10
CA HIS B 229 2.07 -32.25 -18.45
C HIS B 229 0.78 -32.99 -18.63
N SER B 230 0.38 -33.13 -19.87
CA SER B 230 -0.82 -33.83 -20.24
C SER B 230 -0.46 -34.62 -21.49
N SER B 231 -1.23 -34.46 -22.56
CA SER B 231 -0.92 -35.20 -23.78
C SER B 231 -0.06 -34.38 -24.74
N ALA B 232 -0.44 -33.12 -24.98
CA ALA B 232 0.33 -32.28 -25.86
C ALA B 232 1.16 -31.30 -25.06
N GLY B 233 0.77 -31.14 -23.80
CA GLY B 233 1.48 -30.25 -22.91
C GLY B 233 1.04 -28.82 -23.08
N VAL B 234 -0.21 -28.62 -23.45
CA VAL B 234 -0.72 -27.28 -23.64
C VAL B 234 -2.13 -27.12 -23.08
N GLY B 235 -3.01 -28.04 -23.45
CA GLY B 235 -4.39 -27.99 -23.01
C GLY B 235 -4.59 -27.98 -21.51
N ARG B 236 -5.06 -29.10 -20.98
CA ARG B 236 -5.32 -29.22 -19.56
C ARG B 236 -4.19 -28.68 -18.71
N THR B 237 -2.96 -28.93 -19.14
CA THR B 237 -1.78 -28.47 -18.40
C THR B 237 -1.74 -26.95 -18.25
N GLY B 238 -1.81 -26.23 -19.36
CA GLY B 238 -1.79 -24.78 -19.31
C GLY B 238 -3.00 -24.25 -18.54
N THR B 239 -4.09 -24.99 -18.58
CA THR B 239 -5.29 -24.59 -17.89
C THR B 239 -4.98 -24.63 -16.41
N TYR B 240 -4.37 -25.73 -15.98
CA TYR B 240 -4.01 -25.92 -14.59
C TYR B 240 -3.20 -24.75 -14.09
N ILE B 241 -2.13 -24.47 -14.83
CA ILE B 241 -1.22 -23.37 -14.51
C ILE B 241 -2.01 -22.06 -14.41
N GLY B 242 -2.99 -21.90 -15.29
CA GLY B 242 -3.81 -20.70 -15.25
C GLY B 242 -4.33 -20.56 -13.84
N ILE B 243 -5.11 -21.54 -13.38
CA ILE B 243 -5.65 -21.49 -12.04
C ILE B 243 -4.57 -21.22 -11.01
N ASP B 244 -3.60 -22.13 -10.90
CA ASP B 244 -2.53 -21.96 -9.91
C ASP B 244 -1.97 -20.55 -9.87
N ALA B 245 -1.52 -20.06 -11.01
CA ALA B 245 -0.94 -18.72 -11.09
C ALA B 245 -1.93 -17.65 -10.66
N MSE B 246 -3.01 -17.52 -11.41
CA MSE B 246 -4.02 -16.52 -11.12
C MSE B 246 -4.57 -16.57 -9.72
O MSE B 246 -5.20 -15.60 -9.28
CB MSE B 246 -5.16 -16.66 -12.12
CG MSE B 246 -4.77 -16.30 -13.54
SE MSE B 246 -4.25 -14.46 -13.62
CE MSE B 246 -5.97 -13.75 -13.77
N LEU B 247 -4.37 -17.68 -9.03
CA LEU B 247 -4.86 -17.82 -7.65
C LEU B 247 -3.89 -17.15 -6.68
N GLU B 248 -2.62 -17.12 -7.07
CA GLU B 248 -1.58 -16.48 -6.29
C GLU B 248 -1.89 -15.00 -6.51
N GLY B 249 -2.12 -14.68 -7.78
CA GLY B 249 -2.42 -13.33 -8.17
C GLY B 249 -3.53 -12.73 -7.33
N LEU B 250 -4.55 -13.54 -7.06
CA LEU B 250 -5.66 -13.07 -6.26
C LEU B 250 -5.25 -12.83 -4.81
N GLU B 251 -4.66 -13.85 -4.20
CA GLU B 251 -4.20 -13.78 -2.82
C GLU B 251 -3.25 -12.60 -2.60
N ALA B 252 -2.80 -11.99 -3.69
CA ALA B 252 -1.86 -10.88 -3.62
C ALA B 252 -2.44 -9.49 -3.93
N GLU B 253 -2.85 -9.27 -5.17
CA GLU B 253 -3.38 -7.97 -5.60
C GLU B 253 -4.92 -7.88 -5.60
N ASN B 254 -5.59 -8.97 -5.24
CA ASN B 254 -7.05 -9.04 -5.22
C ASN B 254 -7.67 -8.65 -6.55
N LYS B 255 -7.04 -9.10 -7.63
CA LYS B 255 -7.51 -8.82 -8.97
C LYS B 255 -6.88 -9.93 -9.75
N VAL B 256 -7.31 -10.10 -11.00
CA VAL B 256 -6.76 -11.17 -11.84
C VAL B 256 -6.87 -10.86 -13.34
N ASP B 257 -5.75 -10.88 -14.04
CA ASP B 257 -5.79 -10.61 -15.47
C ASP B 257 -5.64 -11.92 -16.23
N VAL B 258 -6.70 -12.72 -16.18
CA VAL B 258 -6.72 -14.02 -16.85
C VAL B 258 -6.41 -13.83 -18.32
N TYR B 259 -7.11 -12.90 -18.94
CA TYR B 259 -6.87 -12.66 -20.34
C TYR B 259 -5.38 -12.41 -20.54
N GLY B 260 -4.83 -11.49 -19.77
CA GLY B 260 -3.42 -11.17 -19.89
C GLY B 260 -2.57 -12.39 -19.76
N TYR B 261 -2.65 -13.03 -18.60
CA TYR B 261 -1.89 -14.23 -18.31
C TYR B 261 -1.95 -15.33 -19.36
N VAL B 262 -3.11 -15.57 -19.94
CA VAL B 262 -3.18 -16.63 -20.94
C VAL B 262 -2.37 -16.23 -22.19
N VAL B 263 -2.33 -14.94 -22.48
CA VAL B 263 -1.58 -14.46 -23.63
C VAL B 263 -0.10 -14.67 -23.35
N LYS B 264 0.29 -14.36 -22.12
CA LYS B 264 1.68 -14.53 -21.70
C LYS B 264 2.01 -16.01 -21.89
N LEU B 265 0.99 -16.85 -21.69
CA LEU B 265 1.15 -18.30 -21.82
C LEU B 265 1.28 -18.69 -23.27
N ARG B 266 0.37 -18.22 -24.11
CA ARG B 266 0.46 -18.55 -25.52
C ARG B 266 1.73 -17.91 -26.09
N ARG B 267 2.46 -17.21 -25.24
CA ARG B 267 3.67 -16.57 -25.70
C ARG B 267 4.86 -17.43 -25.32
N GLN B 268 4.67 -18.31 -24.35
CA GLN B 268 5.73 -19.19 -23.89
C GLN B 268 5.57 -20.59 -24.49
N ARG B 269 4.33 -20.96 -24.75
CA ARG B 269 4.05 -22.26 -25.34
C ARG B 269 2.78 -22.21 -26.16
N CYS B 270 2.96 -22.69 -27.39
CA CYS B 270 1.92 -22.76 -28.41
C CYS B 270 0.55 -23.19 -27.93
N LEU B 271 -0.45 -22.39 -28.26
CA LEU B 271 -1.83 -22.70 -27.91
C LEU B 271 -1.96 -23.27 -26.51
N MSE B 272 -1.63 -22.51 -25.48
CA MSE B 272 -1.79 -23.07 -24.13
C MSE B 272 -3.29 -23.29 -23.95
O MSE B 272 -3.90 -23.89 -24.82
CB MSE B 272 -1.19 -22.15 -23.06
CG MSE B 272 0.34 -22.35 -22.83
SE MSE B 272 0.96 -24.00 -21.91
CE MSE B 272 1.04 -23.32 -20.09
N VAL B 273 -3.89 -22.83 -22.85
CA VAL B 273 -5.34 -23.02 -22.64
C VAL B 273 -6.08 -23.15 -23.99
N GLN B 274 -6.28 -24.38 -24.48
CA GLN B 274 -6.92 -24.61 -25.80
C GLN B 274 -8.44 -24.70 -25.95
N VAL B 275 -9.21 -24.37 -24.90
CA VAL B 275 -10.66 -24.44 -25.01
C VAL B 275 -11.43 -23.40 -24.20
N GLU B 276 -12.37 -22.78 -24.88
CA GLU B 276 -13.25 -21.74 -24.38
C GLU B 276 -13.81 -22.20 -23.06
N ALA B 277 -13.96 -23.52 -22.92
CA ALA B 277 -14.48 -24.14 -21.69
C ALA B 277 -13.38 -24.13 -20.63
N GLN B 278 -12.17 -24.49 -21.06
CA GLN B 278 -11.02 -24.49 -20.16
C GLN B 278 -10.74 -23.02 -19.82
N TYR B 279 -11.05 -22.13 -20.77
CA TYR B 279 -10.88 -20.70 -20.56
C TYR B 279 -11.79 -20.26 -19.42
N ILE B 280 -13.07 -20.58 -19.58
CA ILE B 280 -14.08 -20.25 -18.60
C ILE B 280 -13.80 -20.96 -17.29
N LEU B 281 -13.23 -22.17 -17.38
CA LEU B 281 -12.91 -22.97 -16.21
C LEU B 281 -12.02 -22.21 -15.23
N ILE B 282 -11.00 -21.54 -15.77
CA ILE B 282 -10.07 -20.77 -14.95
C ILE B 282 -10.85 -19.75 -14.14
N HIS B 283 -11.79 -19.09 -14.80
CA HIS B 283 -12.60 -18.07 -14.15
C HIS B 283 -13.47 -18.65 -13.02
N GLN B 284 -14.21 -19.71 -13.31
CA GLN B 284 -15.09 -20.32 -12.32
C GLN B 284 -14.25 -20.76 -11.13
N ALA B 285 -13.05 -21.21 -11.45
CA ALA B 285 -12.08 -21.67 -10.46
C ALA B 285 -11.84 -20.50 -9.52
N LEU B 286 -11.55 -19.35 -10.13
CA LEU B 286 -11.30 -18.12 -9.39
C LEU B 286 -12.54 -17.72 -8.61
N VAL B 287 -13.64 -17.51 -9.34
CA VAL B 287 -14.89 -17.12 -8.71
C VAL B 287 -15.18 -18.03 -7.48
N GLU B 288 -15.27 -19.33 -7.72
CA GLU B 288 -15.55 -20.30 -6.66
C GLU B 288 -14.65 -20.23 -5.43
N TYR B 289 -13.36 -20.07 -5.64
CA TYR B 289 -12.43 -20.00 -4.52
C TYR B 289 -12.70 -18.73 -3.76
N ASN B 290 -13.10 -17.72 -4.51
CA ASN B 290 -13.39 -16.40 -3.97
C ASN B 290 -14.51 -16.47 -2.94
N GLN B 291 -15.68 -16.88 -3.43
CA GLN B 291 -16.88 -16.98 -2.64
C GLN B 291 -16.80 -17.98 -1.48
N PHE B 292 -16.42 -19.22 -1.78
CA PHE B 292 -16.35 -20.28 -0.78
C PHE B 292 -15.03 -20.47 -0.02
N GLY B 293 -13.91 -20.35 -0.73
CA GLY B 293 -12.61 -20.51 -0.06
C GLY B 293 -12.30 -21.94 0.35
N GLU B 294 -11.26 -22.09 1.17
CA GLU B 294 -10.82 -23.41 1.63
C GLU B 294 -11.72 -23.79 2.80
N THR B 295 -12.56 -24.82 2.61
CA THR B 295 -13.47 -25.30 3.66
C THR B 295 -13.44 -26.83 3.77
N GLU B 296 -12.24 -27.35 4.01
CA GLU B 296 -12.00 -28.77 4.11
C GLU B 296 -11.22 -29.10 5.37
N VAL B 297 -11.81 -29.08 6.55
CA VAL B 297 -11.02 -29.40 7.75
C VAL B 297 -10.27 -30.74 7.56
N ASN B 298 -9.70 -31.26 8.64
CA ASN B 298 -8.96 -32.51 8.60
C ASN B 298 -9.08 -33.14 9.99
N LEU B 299 -9.12 -34.45 10.02
CA LEU B 299 -9.27 -35.23 11.24
C LEU B 299 -8.52 -34.69 12.44
N SER B 300 -7.33 -34.16 12.22
CA SER B 300 -6.50 -33.64 13.31
C SER B 300 -7.15 -32.48 14.08
N GLU B 301 -7.68 -31.52 13.33
CA GLU B 301 -8.29 -30.31 13.91
C GLU B 301 -9.81 -30.18 13.91
N LEU B 302 -10.52 -31.17 13.36
CA LEU B 302 -11.99 -31.14 13.31
C LEU B 302 -12.63 -30.72 14.63
N HIS B 303 -12.33 -31.44 15.72
CA HIS B 303 -12.87 -31.15 17.06
C HIS B 303 -12.67 -29.69 17.53
N PRO B 304 -11.39 -29.22 17.58
CA PRO B 304 -11.08 -27.85 18.01
C PRO B 304 -11.75 -26.83 17.08
N TYR B 305 -11.51 -27.02 15.79
CA TYR B 305 -12.08 -26.18 14.75
C TYR B 305 -13.58 -25.92 14.96
N LEU B 306 -14.37 -26.97 14.79
CA LEU B 306 -15.83 -26.88 14.95
C LEU B 306 -16.21 -26.01 16.14
N HIS B 307 -15.74 -26.41 17.33
CA HIS B 307 -16.00 -25.69 18.59
C HIS B 307 -16.06 -24.16 18.44
N ASN B 308 -15.02 -23.58 17.87
CA ASN B 308 -14.94 -22.13 17.67
C ASN B 308 -15.81 -21.74 16.47
N MSE B 309 -15.90 -22.65 15.52
CA MSE B 309 -16.71 -22.44 14.33
C MSE B 309 -18.12 -22.12 14.82
O MSE B 309 -18.98 -21.72 14.05
CB MSE B 309 -16.67 -23.73 13.47
CG MSE B 309 -16.85 -23.49 11.98
SE MSE B 309 -15.49 -22.31 11.19
CE MSE B 309 -16.21 -22.23 9.37
N LYS B 310 -18.34 -22.30 16.12
CA LYS B 310 -19.64 -22.02 16.72
C LYS B 310 -19.62 -20.66 17.41
N LYS B 311 -18.69 -20.48 18.36
CA LYS B 311 -18.57 -19.20 19.09
C LYS B 311 -18.85 -18.00 18.16
N ARG B 312 -19.81 -17.16 18.55
CA ARG B 312 -20.17 -16.00 17.74
C ARG B 312 -19.99 -14.67 18.47
N ASP B 313 -18.99 -14.62 19.37
CA ASP B 313 -18.65 -13.43 20.17
C ASP B 313 -19.78 -12.38 20.22
N PRO B 314 -19.88 -11.49 19.21
CA PRO B 314 -20.99 -10.52 19.33
C PRO B 314 -22.25 -11.41 19.41
N PRO B 315 -22.92 -11.42 20.59
CA PRO B 315 -24.13 -12.21 20.90
C PRO B 315 -25.05 -12.58 19.72
N SER B 316 -25.39 -11.58 18.92
CA SER B 316 -26.24 -11.77 17.75
C SER B 316 -25.53 -12.61 16.66
N GLU B 317 -24.57 -11.96 16.00
CA GLU B 317 -23.75 -12.53 14.92
C GLU B 317 -23.84 -14.03 14.65
N PRO B 318 -24.32 -14.39 13.45
CA PRO B 318 -24.45 -15.80 13.08
C PRO B 318 -23.08 -16.48 13.22
N SER B 319 -23.02 -17.52 14.05
CA SER B 319 -21.77 -18.25 14.27
C SER B 319 -21.00 -18.45 12.94
N PRO B 320 -19.68 -18.72 13.04
CA PRO B 320 -18.84 -18.94 11.85
C PRO B 320 -19.47 -20.07 11.00
N LEU B 321 -19.98 -21.08 11.71
CA LEU B 321 -20.62 -22.21 11.05
C LEU B 321 -21.85 -21.66 10.30
N GLU B 322 -22.76 -21.02 11.03
CA GLU B 322 -23.94 -20.43 10.41
C GLU B 322 -23.52 -19.59 9.22
N ALA B 323 -22.44 -18.84 9.37
CA ALA B 323 -21.94 -18.00 8.29
C ALA B 323 -21.78 -18.85 7.05
N GLU B 324 -21.12 -19.99 7.23
CA GLU B 324 -20.85 -20.95 6.18
C GLU B 324 -22.13 -21.46 5.50
N PHE B 325 -23.02 -22.06 6.30
CA PHE B 325 -24.27 -22.60 5.79
C PHE B 325 -25.05 -21.55 4.96
N GLN B 326 -24.91 -20.30 5.37
CA GLN B 326 -25.58 -19.22 4.68
C GLN B 326 -24.92 -18.93 3.35
N ARG B 327 -23.68 -19.37 3.21
CA ARG B 327 -22.92 -19.16 1.97
C ARG B 327 -23.33 -20.20 0.97
N LEU B 328 -23.83 -21.32 1.47
CA LEU B 328 -24.28 -22.42 0.62
C LEU B 328 -25.34 -21.99 -0.38
N PRO B 329 -24.93 -21.74 -1.62
CA PRO B 329 -25.80 -21.30 -2.72
C PRO B 329 -26.84 -22.33 -3.14
N SER B 330 -27.98 -22.40 -2.46
CA SER B 330 -29.02 -23.36 -2.87
C SER B 330 -29.22 -23.15 -4.36
N TYR B 331 -29.37 -24.24 -5.09
CA TYR B 331 -29.53 -24.13 -6.53
C TYR B 331 -30.99 -24.07 -6.98
N ARG B 332 -31.77 -23.22 -6.32
CA ARG B 332 -33.18 -23.04 -6.60
C ARG B 332 -33.68 -23.85 -7.80
N SER B 333 -34.00 -23.16 -8.88
CA SER B 333 -34.50 -23.84 -10.07
C SER B 333 -33.35 -24.12 -11.02
N TRP B 334 -32.20 -24.35 -10.41
CA TRP B 334 -30.93 -24.66 -11.04
C TRP B 334 -30.91 -25.23 -12.46
N ARG B 335 -31.69 -26.29 -12.70
CA ARG B 335 -31.75 -26.89 -14.03
C ARG B 335 -33.16 -27.32 -14.42
N THR B 336 -33.28 -27.81 -15.65
CA THR B 336 -34.57 -28.25 -16.17
C THR B 336 -35.20 -29.34 -15.31
N GLN B 337 -36.51 -29.25 -15.10
CA GLN B 337 -37.25 -30.24 -14.31
C GLN B 337 -38.59 -30.50 -14.96
N HIS B 338 -38.63 -30.44 -16.29
CA HIS B 338 -39.87 -30.62 -17.05
C HIS B 338 -40.53 -31.98 -16.81
N ILE B 339 -39.79 -33.04 -17.11
CA ILE B 339 -40.28 -34.42 -16.95
C ILE B 339 -41.17 -34.67 -15.72
N GLY B 340 -40.61 -34.44 -14.54
CA GLY B 340 -41.35 -34.65 -13.31
C GLY B 340 -42.56 -33.77 -13.18
N ASN B 341 -42.64 -32.77 -14.06
CA ASN B 341 -43.74 -31.83 -14.06
C ASN B 341 -44.70 -31.98 -15.23
N GLN B 342 -44.74 -33.19 -15.79
CA GLN B 342 -45.65 -33.50 -16.88
C GLN B 342 -46.99 -33.83 -16.24
N GLU B 343 -48.05 -33.71 -17.02
CA GLU B 343 -49.37 -33.98 -16.50
C GLU B 343 -49.46 -35.31 -15.71
N GLU B 344 -49.56 -36.44 -16.43
CA GLU B 344 -49.68 -37.76 -15.79
C GLU B 344 -48.67 -37.99 -14.67
N ASN B 345 -47.43 -37.52 -14.88
CA ASN B 345 -46.33 -37.68 -13.94
C ASN B 345 -46.39 -36.81 -12.68
N LYS B 346 -47.25 -35.80 -12.68
CA LYS B 346 -47.40 -34.93 -11.52
C LYS B 346 -48.00 -35.78 -10.39
N SER B 347 -48.79 -36.78 -10.78
CA SER B 347 -49.46 -37.69 -9.85
C SER B 347 -48.55 -38.84 -9.41
N LYS B 348 -47.25 -38.67 -9.67
CA LYS B 348 -46.25 -39.65 -9.30
C LYS B 348 -45.22 -39.07 -8.34
N ASN B 349 -45.52 -37.88 -7.82
CA ASN B 349 -44.60 -37.25 -6.91
C ASN B 349 -45.21 -37.08 -5.52
N ARG B 350 -44.73 -37.89 -4.59
CA ARG B 350 -45.18 -37.81 -3.19
C ARG B 350 -45.16 -36.34 -2.77
N ASN B 351 -44.11 -35.62 -3.15
CA ASN B 351 -43.97 -34.22 -2.82
C ASN B 351 -43.78 -33.39 -4.10
N SER B 352 -44.72 -32.47 -4.29
CA SER B 352 -44.80 -31.57 -5.44
C SER B 352 -43.54 -30.80 -5.85
N ASN B 353 -43.00 -30.00 -4.93
CA ASN B 353 -41.81 -29.22 -5.24
C ASN B 353 -40.49 -29.92 -4.88
N VAL B 354 -40.50 -31.25 -5.07
CA VAL B 354 -39.32 -32.09 -4.83
C VAL B 354 -39.27 -33.05 -6.01
N ILE B 355 -39.01 -32.47 -7.16
CA ILE B 355 -38.92 -33.22 -8.40
C ILE B 355 -37.48 -33.32 -8.87
N PRO B 356 -37.04 -34.53 -9.24
CA PRO B 356 -35.65 -34.65 -9.69
C PRO B 356 -35.40 -33.76 -10.92
N TYR B 357 -34.19 -33.22 -11.02
CA TYR B 357 -33.85 -32.37 -12.14
C TYR B 357 -33.83 -33.29 -13.37
N ASP B 358 -34.29 -32.77 -14.50
CA ASP B 358 -34.28 -33.55 -15.74
C ASP B 358 -32.86 -34.07 -15.97
N TYR B 359 -31.90 -33.30 -15.48
CA TYR B 359 -30.49 -33.60 -15.62
C TYR B 359 -29.95 -34.87 -14.93
N ASN B 360 -30.71 -35.47 -14.03
CA ASN B 360 -30.23 -36.68 -13.38
C ASN B 360 -31.30 -37.65 -12.89
N ARG B 361 -32.57 -37.28 -13.12
CA ARG B 361 -33.72 -38.13 -12.76
C ARG B 361 -33.32 -39.54 -13.22
N VAL B 362 -33.88 -40.58 -12.60
CA VAL B 362 -33.51 -41.93 -13.02
C VAL B 362 -34.31 -42.48 -14.21
N PRO B 363 -33.63 -42.67 -15.35
CA PRO B 363 -34.19 -43.18 -16.59
C PRO B 363 -34.81 -44.57 -16.48
N LEU B 364 -36.13 -44.62 -16.55
CA LEU B 364 -36.87 -45.87 -16.52
C LEU B 364 -37.13 -46.29 -17.97
N LYS B 365 -36.49 -47.38 -18.38
CA LYS B 365 -36.65 -47.89 -19.73
C LYS B 365 -37.08 -49.33 -19.61
N HIS B 366 -36.95 -50.09 -20.70
CA HIS B 366 -37.33 -51.50 -20.65
C HIS B 366 -36.17 -52.29 -20.01
N GLU B 367 -35.04 -52.45 -20.71
CA GLU B 367 -33.96 -53.22 -20.13
C GLU B 367 -33.84 -53.12 -18.62
N SER B 392 -39.59 -44.78 -22.33
CA SER B 392 -38.67 -44.07 -21.44
C SER B 392 -39.44 -43.44 -20.27
N LYS B 393 -40.15 -44.25 -19.48
CA LYS B 393 -40.91 -43.69 -18.37
C LYS B 393 -40.07 -42.96 -17.29
N TYR B 394 -40.75 -42.58 -16.19
CA TYR B 394 -40.13 -41.80 -15.10
C TYR B 394 -40.59 -42.15 -13.67
N ILE B 395 -39.73 -41.82 -12.71
CA ILE B 395 -39.98 -42.01 -11.26
C ILE B 395 -39.27 -40.90 -10.48
N ASN B 396 -39.89 -40.38 -9.43
CA ASN B 396 -39.23 -39.30 -8.71
C ASN B 396 -38.06 -39.84 -7.91
N ALA B 397 -37.03 -40.26 -8.63
CA ALA B 397 -35.80 -40.77 -8.03
C ALA B 397 -34.64 -40.16 -8.84
N SER B 398 -33.55 -39.79 -8.18
CA SER B 398 -32.43 -39.21 -8.91
C SER B 398 -31.03 -39.74 -8.53
N PHE B 399 -30.09 -39.60 -9.47
CA PHE B 399 -28.71 -40.05 -9.30
C PHE B 399 -27.86 -39.09 -8.45
N ILE B 400 -27.25 -39.62 -7.39
CA ILE B 400 -26.42 -38.81 -6.51
C ILE B 400 -24.99 -39.33 -6.56
N MSE B 401 -24.07 -38.42 -6.83
CA MSE B 401 -22.64 -38.68 -6.94
C MSE B 401 -22.08 -39.34 -5.68
O MSE B 401 -22.42 -38.92 -4.58
CB MSE B 401 -21.90 -37.36 -7.17
CG MSE B 401 -20.63 -37.43 -8.01
SE MSE B 401 -20.99 -37.10 -9.93
CE MSE B 401 -20.13 -35.40 -10.19
N SER B 402 -21.22 -40.34 -5.84
CA SER B 402 -20.60 -41.03 -4.71
C SER B 402 -19.16 -40.59 -4.52
N TYR B 403 -18.63 -40.78 -3.32
CA TYR B 403 -17.25 -40.38 -3.08
C TYR B 403 -16.36 -40.93 -4.19
N TRP B 404 -16.32 -42.24 -4.32
CA TRP B 404 -15.50 -42.81 -5.37
C TRP B 404 -16.22 -42.71 -6.70
N LYS B 405 -15.81 -41.76 -7.53
CA LYS B 405 -16.43 -41.64 -8.84
C LYS B 405 -15.81 -42.74 -9.71
N PRO B 406 -16.61 -43.33 -10.62
CA PRO B 406 -18.02 -42.99 -10.86
C PRO B 406 -19.09 -43.75 -10.08
N GLU B 407 -18.79 -44.28 -8.90
CA GLU B 407 -19.82 -45.00 -8.14
C GLU B 407 -21.01 -44.04 -7.96
N VAL B 408 -22.23 -44.57 -7.91
CA VAL B 408 -23.40 -43.72 -7.72
C VAL B 408 -24.51 -44.35 -6.87
N MSE B 409 -25.31 -43.49 -6.26
CA MSE B 409 -26.42 -43.89 -5.40
C MSE B 409 -27.75 -43.45 -6.00
O MSE B 409 -27.79 -42.55 -6.82
CB MSE B 409 -26.29 -43.23 -4.05
CG MSE B 409 -24.94 -43.31 -3.43
SE MSE B 409 -24.95 -42.33 -1.77
CE MSE B 409 -24.34 -40.64 -2.46
N ILE B 410 -28.85 -44.07 -5.60
CA ILE B 410 -30.15 -43.66 -6.06
C ILE B 410 -30.91 -43.08 -4.89
N ALA B 411 -31.17 -41.77 -4.97
CA ALA B 411 -31.90 -41.05 -3.94
C ALA B 411 -33.32 -40.86 -4.43
N ALA B 412 -34.18 -41.77 -3.97
CA ALA B 412 -35.58 -41.79 -4.33
C ALA B 412 -36.43 -41.43 -3.14
N GLN B 413 -37.72 -41.44 -3.39
CA GLN B 413 -38.71 -41.12 -2.37
C GLN B 413 -39.46 -42.40 -2.02
N GLY B 414 -40.21 -42.34 -0.91
CA GLY B 414 -41.02 -43.48 -0.53
C GLY B 414 -41.94 -43.70 -1.72
N PRO B 415 -41.99 -44.94 -2.26
CA PRO B 415 -42.87 -45.21 -3.41
C PRO B 415 -44.32 -44.88 -3.07
N LEU B 416 -45.12 -44.60 -4.09
CA LEU B 416 -46.53 -44.30 -3.85
C LEU B 416 -47.30 -45.58 -4.18
N LYS B 417 -48.34 -45.87 -3.40
CA LYS B 417 -49.13 -47.07 -3.64
C LYS B 417 -49.56 -47.12 -5.10
N GLU B 418 -49.22 -46.05 -5.82
CA GLU B 418 -49.52 -45.91 -7.23
C GLU B 418 -48.25 -45.98 -8.10
N THR B 419 -47.16 -46.45 -7.50
CA THR B 419 -45.87 -46.59 -8.18
C THR B 419 -45.11 -47.76 -7.55
N ILE B 420 -45.67 -48.28 -6.45
CA ILE B 420 -45.10 -49.40 -5.71
C ILE B 420 -44.53 -50.42 -6.69
N GLY B 421 -45.03 -50.38 -7.91
CA GLY B 421 -44.55 -51.28 -8.93
C GLY B 421 -43.30 -50.70 -9.56
N ASP B 422 -43.46 -49.52 -10.16
CA ASP B 422 -42.34 -48.86 -10.83
C ASP B 422 -41.10 -48.87 -9.95
N PHE B 423 -41.31 -48.71 -8.66
CA PHE B 423 -40.21 -48.73 -7.71
C PHE B 423 -39.38 -49.99 -7.84
N TRP B 424 -40.05 -51.14 -7.96
CA TRP B 424 -39.33 -52.40 -8.12
C TRP B 424 -38.70 -52.56 -9.48
N GLN B 425 -39.33 -52.01 -10.52
CA GLN B 425 -38.73 -52.12 -11.83
C GLN B 425 -37.40 -51.34 -11.88
N MSE B 426 -37.32 -50.26 -11.10
CA MSE B 426 -36.09 -49.47 -11.05
C MSE B 426 -34.99 -50.24 -10.31
O MSE B 426 -33.90 -50.42 -10.84
CB MSE B 426 -36.34 -48.14 -10.33
CG MSE B 426 -35.08 -47.41 -9.94
SE MSE B 426 -35.42 -45.73 -9.06
CE MSE B 426 -36.18 -46.41 -7.42
N ILE B 427 -35.27 -50.70 -9.09
CA ILE B 427 -34.28 -51.42 -8.31
C ILE B 427 -33.80 -52.66 -9.07
N PHE B 428 -34.52 -53.07 -10.11
CA PHE B 428 -34.07 -54.24 -10.85
C PHE B 428 -33.12 -53.80 -11.96
N GLN B 429 -33.64 -52.97 -12.87
CA GLN B 429 -32.85 -52.47 -14.00
C GLN B 429 -31.53 -51.88 -13.53
N ARG B 430 -31.60 -51.07 -12.48
CA ARG B 430 -30.41 -50.43 -11.92
C ARG B 430 -29.66 -51.40 -11.00
N LYS B 431 -30.14 -52.64 -10.94
CA LYS B 431 -29.52 -53.67 -10.11
C LYS B 431 -29.14 -53.18 -8.73
N VAL B 432 -30.14 -52.83 -7.93
CA VAL B 432 -29.89 -52.37 -6.58
C VAL B 432 -29.59 -53.60 -5.73
N LYS B 433 -28.58 -53.47 -4.87
CA LYS B 433 -28.18 -54.55 -3.99
C LYS B 433 -28.69 -54.33 -2.57
N VAL B 434 -28.63 -53.09 -2.11
CA VAL B 434 -29.11 -52.77 -0.78
C VAL B 434 -29.97 -51.52 -0.84
N ILE B 435 -31.07 -51.55 -0.08
CA ILE B 435 -32.06 -50.47 0.00
C ILE B 435 -32.04 -49.93 1.42
N VAL B 436 -32.14 -48.62 1.55
CA VAL B 436 -32.18 -48.03 2.88
C VAL B 436 -33.39 -47.13 3.03
N MSE B 437 -34.27 -47.53 3.95
CA MSE B 437 -35.50 -46.83 4.25
C MSE B 437 -35.32 -46.06 5.53
O MSE B 437 -35.08 -46.63 6.60
CB MSE B 437 -36.63 -47.86 4.39
CG MSE B 437 -37.96 -47.29 4.81
SE MSE B 437 -39.34 -48.62 4.50
CE MSE B 437 -40.81 -47.34 4.19
N LEU B 438 -35.46 -44.74 5.45
CA LEU B 438 -35.27 -43.89 6.61
C LEU B 438 -36.54 -43.45 7.28
N THR B 439 -37.66 -44.01 6.81
CA THR B 439 -38.97 -43.68 7.36
C THR B 439 -39.71 -44.90 7.89
N GLU B 440 -40.89 -44.64 8.45
CA GLU B 440 -41.78 -45.67 8.97
C GLU B 440 -42.72 -45.89 7.78
N LEU B 441 -43.83 -46.60 7.98
CA LEU B 441 -44.75 -46.79 6.86
C LEU B 441 -45.80 -45.69 6.84
N LYS B 442 -46.04 -45.13 8.03
CA LYS B 442 -46.97 -44.03 8.22
C LYS B 442 -46.96 -43.49 9.66
N HIS B 443 -47.58 -42.32 9.82
CA HIS B 443 -47.72 -41.62 11.10
C HIS B 443 -49.19 -41.84 11.48
N GLY B 444 -49.45 -42.93 12.22
CA GLY B 444 -50.80 -43.25 12.62
C GLY B 444 -51.71 -43.40 11.39
N ASP B 445 -52.22 -42.26 10.89
CA ASP B 445 -53.12 -42.23 9.73
C ASP B 445 -52.28 -41.96 8.47
N GLN B 446 -51.76 -40.74 8.42
CA GLN B 446 -50.97 -40.27 7.30
C GLN B 446 -49.81 -41.21 6.92
N GLU B 447 -49.88 -41.74 5.68
CA GLU B 447 -48.85 -42.64 5.16
C GLU B 447 -47.62 -41.85 4.70
N ILE B 448 -46.49 -42.20 5.29
CA ILE B 448 -45.22 -41.56 4.99
C ILE B 448 -44.57 -42.29 3.80
N CYS B 449 -45.07 -43.50 3.55
CA CYS B 449 -44.58 -44.33 2.47
C CYS B 449 -45.61 -45.42 2.25
N ALA B 450 -45.54 -46.05 1.08
CA ALA B 450 -46.42 -47.15 0.73
C ALA B 450 -45.87 -48.38 1.45
N GLN B 451 -45.87 -49.52 0.78
CA GLN B 451 -45.34 -50.73 1.39
C GLN B 451 -45.02 -51.72 0.30
N TYR B 452 -44.08 -51.37 -0.55
CA TYR B 452 -43.65 -52.19 -1.68
C TYR B 452 -43.37 -53.66 -1.35
N TRP B 453 -43.63 -54.08 -0.11
CA TRP B 453 -43.38 -55.47 0.25
C TRP B 453 -44.52 -56.09 1.05
N GLY B 454 -44.76 -57.39 0.81
CA GLY B 454 -45.79 -58.14 1.52
C GLY B 454 -45.24 -59.46 2.08
N GLU B 455 -46.05 -60.20 2.84
CA GLU B 455 -45.57 -61.47 3.42
C GLU B 455 -45.47 -62.55 2.36
N GLY B 456 -46.35 -62.45 1.37
CA GLY B 456 -46.40 -63.44 0.31
C GLY B 456 -45.28 -63.36 -0.71
N LYS B 457 -45.66 -63.69 -1.95
CA LYS B 457 -44.75 -63.68 -3.09
C LYS B 457 -45.16 -62.59 -4.09
N GLN B 458 -45.59 -61.44 -3.57
CA GLN B 458 -46.03 -60.27 -4.37
C GLN B 458 -45.36 -60.19 -5.72
N THR B 459 -46.13 -59.76 -6.71
CA THR B 459 -45.60 -59.66 -8.05
C THR B 459 -46.05 -58.37 -8.72
N TYR B 460 -45.16 -57.79 -9.53
CA TYR B 460 -45.43 -56.53 -10.23
C TYR B 460 -44.80 -56.51 -11.64
N GLY B 461 -45.64 -56.54 -12.67
CA GLY B 461 -45.14 -56.53 -14.03
C GLY B 461 -44.22 -57.70 -14.36
N ASP B 462 -43.17 -57.44 -15.14
CA ASP B 462 -42.21 -58.46 -15.54
C ASP B 462 -41.44 -59.02 -14.31
N ILE B 463 -41.65 -58.43 -13.13
CA ILE B 463 -40.94 -58.90 -11.94
C ILE B 463 -41.77 -59.22 -10.70
N GLU B 464 -41.26 -60.14 -9.89
CA GLU B 464 -41.92 -60.55 -8.66
C GLU B 464 -40.91 -60.65 -7.49
N VAL B 465 -41.26 -60.02 -6.38
CA VAL B 465 -40.43 -60.02 -5.17
C VAL B 465 -40.87 -61.21 -4.32
N ASP B 466 -40.20 -61.40 -3.19
CA ASP B 466 -40.54 -62.53 -2.33
C ASP B 466 -39.72 -62.40 -1.07
N LEU B 467 -40.26 -61.68 -0.10
CA LEU B 467 -39.58 -61.47 1.18
C LEU B 467 -39.24 -62.84 1.75
N LYS B 468 -37.99 -63.03 2.12
CA LYS B 468 -37.50 -64.30 2.66
C LYS B 468 -37.20 -64.24 4.15
N ASP B 469 -36.59 -63.16 4.59
CA ASP B 469 -36.27 -63.02 6.00
C ASP B 469 -36.66 -61.61 6.42
N THR B 470 -37.06 -61.45 7.68
CA THR B 470 -37.42 -60.14 8.21
C THR B 470 -36.75 -60.10 9.57
N ASP B 471 -35.62 -59.40 9.67
CA ASP B 471 -34.91 -59.32 10.94
C ASP B 471 -34.97 -57.98 11.59
N LYS B 472 -35.54 -57.96 12.78
CA LYS B 472 -35.69 -56.75 13.55
C LYS B 472 -34.71 -56.64 14.70
N SER B 473 -34.25 -55.41 14.91
CA SER B 473 -33.33 -55.07 15.98
C SER B 473 -33.81 -53.73 16.55
N SER B 474 -33.53 -53.50 17.83
CA SER B 474 -33.91 -52.28 18.53
C SER B 474 -33.65 -50.98 17.75
N THR B 475 -32.75 -51.05 16.79
CA THR B 475 -32.35 -49.88 16.00
C THR B 475 -33.00 -49.81 14.63
N TYR B 476 -32.69 -50.81 13.82
CA TYR B 476 -33.20 -50.89 12.45
C TYR B 476 -33.70 -52.32 12.25
N THR B 477 -34.40 -52.57 11.15
CA THR B 477 -34.89 -53.91 10.85
C THR B 477 -34.49 -54.20 9.40
N LEU B 478 -33.99 -55.40 9.17
CA LEU B 478 -33.53 -55.80 7.84
C LEU B 478 -34.40 -56.87 7.20
N ARG B 479 -34.80 -56.63 5.96
CA ARG B 479 -35.64 -57.55 5.20
C ARG B 479 -34.89 -58.05 3.98
N VAL B 480 -34.79 -59.36 3.85
CA VAL B 480 -34.11 -59.98 2.73
C VAL B 480 -35.12 -60.41 1.68
N PHE B 481 -35.01 -59.86 0.48
CA PHE B 481 -35.92 -60.21 -0.58
C PHE B 481 -35.15 -61.04 -1.57
N GLU B 482 -35.87 -61.81 -2.37
CA GLU B 482 -35.28 -62.62 -3.43
C GLU B 482 -36.10 -62.13 -4.62
N LEU B 483 -35.44 -61.64 -5.67
CA LEU B 483 -36.15 -61.12 -6.84
C LEU B 483 -36.00 -61.93 -8.10
N ARG B 484 -37.09 -62.03 -8.84
CA ARG B 484 -37.10 -62.78 -10.09
C ARG B 484 -38.17 -62.30 -11.07
N HIS B 485 -37.96 -62.64 -12.34
CA HIS B 485 -38.91 -62.36 -13.41
C HIS B 485 -39.13 -63.71 -14.13
N SER B 486 -40.21 -63.80 -14.92
CA SER B 486 -40.57 -65.03 -15.66
C SER B 486 -39.36 -65.79 -16.25
N LYS B 487 -38.24 -65.07 -16.39
CA LYS B 487 -36.98 -65.61 -16.91
C LYS B 487 -36.22 -66.24 -15.72
N ARG B 488 -36.93 -67.08 -14.96
CA ARG B 488 -36.41 -67.77 -13.75
C ARG B 488 -34.93 -68.20 -13.71
N LYS B 489 -34.54 -68.67 -12.53
CA LYS B 489 -33.17 -69.10 -12.26
C LYS B 489 -32.28 -67.88 -12.44
N ASP B 490 -32.59 -66.85 -11.64
CA ASP B 490 -31.85 -65.60 -11.67
C ASP B 490 -32.02 -64.94 -10.31
N SER B 491 -32.97 -65.45 -9.53
CA SER B 491 -33.28 -64.90 -8.21
C SER B 491 -32.14 -64.01 -7.65
N ARG B 492 -32.40 -62.70 -7.60
CA ARG B 492 -31.42 -61.77 -7.08
C ARG B 492 -31.80 -61.38 -5.68
N THR B 493 -30.92 -61.71 -4.73
CA THR B 493 -31.18 -61.36 -3.35
C THR B 493 -30.93 -59.85 -3.16
N VAL B 494 -31.90 -59.16 -2.56
CA VAL B 494 -31.83 -57.72 -2.32
C VAL B 494 -32.11 -57.39 -0.86
N TYR B 495 -31.15 -56.80 -0.18
CA TYR B 495 -31.29 -56.44 1.22
C TYR B 495 -31.92 -55.08 1.43
N GLN B 496 -32.81 -54.97 2.40
CA GLN B 496 -33.44 -53.70 2.72
C GLN B 496 -33.20 -53.44 4.18
N TYR B 497 -32.68 -52.26 4.51
CA TYR B 497 -32.40 -51.88 5.89
C TYR B 497 -33.40 -50.78 6.24
N GLN B 498 -34.02 -50.86 7.40
CA GLN B 498 -34.99 -49.84 7.75
C GLN B 498 -34.67 -49.16 9.06
N TYR B 499 -34.20 -47.92 8.97
CA TYR B 499 -33.89 -47.17 10.17
C TYR B 499 -35.17 -46.51 10.62
N THR B 500 -35.60 -46.89 11.83
CA THR B 500 -36.82 -46.37 12.41
C THR B 500 -36.55 -45.04 13.11
N ASN B 501 -35.68 -45.09 14.12
CA ASN B 501 -35.24 -43.95 14.91
C ASN B 501 -34.99 -42.63 14.17
N TRP B 502 -35.95 -42.13 13.39
CA TRP B 502 -35.68 -40.88 12.69
C TRP B 502 -36.87 -40.24 11.99
N SER B 503 -37.57 -39.41 12.76
CA SER B 503 -38.75 -38.67 12.30
C SER B 503 -38.34 -37.42 11.52
N VAL B 504 -39.11 -37.07 10.49
CA VAL B 504 -38.80 -35.86 9.72
C VAL B 504 -39.01 -34.62 10.62
N GLU B 505 -39.08 -34.85 11.93
CA GLU B 505 -39.26 -33.78 12.91
C GLU B 505 -37.91 -33.55 13.59
N GLN B 506 -37.49 -34.53 14.39
CA GLN B 506 -36.20 -34.45 15.08
C GLN B 506 -35.07 -34.89 14.12
N LEU B 507 -33.92 -35.22 14.70
CA LEU B 507 -32.78 -35.71 13.93
C LEU B 507 -32.38 -37.03 14.56
N PRO B 508 -31.49 -37.80 13.91
CA PRO B 508 -31.11 -39.07 14.52
C PRO B 508 -31.00 -38.93 16.03
N ALA B 509 -31.92 -39.62 16.73
CA ALA B 509 -31.98 -39.59 18.18
C ALA B 509 -30.69 -40.08 18.84
N GLU B 510 -30.23 -41.25 18.39
CA GLU B 510 -29.00 -41.89 18.88
C GLU B 510 -28.06 -42.06 17.67
N PRO B 511 -27.46 -40.95 17.21
CA PRO B 511 -26.54 -40.93 16.06
C PRO B 511 -25.52 -42.08 15.96
N LYS B 512 -24.75 -42.28 17.02
CA LYS B 512 -23.74 -43.33 17.02
C LYS B 512 -24.21 -44.60 16.29
N GLU B 513 -25.51 -44.90 16.41
CA GLU B 513 -26.07 -46.11 15.79
C GLU B 513 -26.51 -45.89 14.35
N LEU B 514 -26.79 -44.64 14.01
CA LEU B 514 -27.17 -44.34 12.64
C LEU B 514 -25.89 -44.62 11.86
N ILE B 515 -24.76 -44.47 12.54
CA ILE B 515 -23.44 -44.72 11.95
C ILE B 515 -23.23 -46.23 11.70
N SER B 516 -23.50 -47.03 12.73
CA SER B 516 -23.34 -48.48 12.65
C SER B 516 -24.25 -49.00 11.57
N MSE B 517 -25.39 -48.34 11.42
CA MSE B 517 -26.36 -48.70 10.42
C MSE B 517 -25.60 -48.68 9.11
O MSE B 517 -25.77 -49.57 8.27
CB MSE B 517 -27.46 -47.64 10.37
CG MSE B 517 -28.83 -48.17 10.71
SE MSE B 517 -29.55 -49.35 9.34
CE MSE B 517 -30.16 -47.98 8.07
N ILE B 518 -24.75 -47.67 8.96
CA ILE B 518 -23.95 -47.48 7.77
C ILE B 518 -22.81 -48.50 7.65
N GLN B 519 -22.36 -49.03 8.77
CA GLN B 519 -21.29 -50.03 8.73
C GLN B 519 -21.81 -51.20 7.90
N VAL B 520 -22.80 -51.86 8.49
CA VAL B 520 -23.43 -53.01 7.88
C VAL B 520 -23.86 -52.75 6.44
N VAL B 521 -24.43 -51.58 6.19
CA VAL B 521 -24.85 -51.22 4.83
C VAL B 521 -23.65 -51.31 3.89
N LYS B 522 -22.61 -50.51 4.18
CA LYS B 522 -21.43 -50.47 3.34
C LYS B 522 -20.74 -51.80 3.22
N GLN B 523 -20.84 -52.63 4.25
CA GLN B 523 -20.20 -53.94 4.22
C GLN B 523 -21.02 -55.00 3.47
N LYS B 524 -22.20 -54.62 2.98
CA LYS B 524 -23.02 -55.57 2.26
C LYS B 524 -23.01 -55.20 0.78
N LEU B 525 -22.22 -54.21 0.42
CA LEU B 525 -22.18 -53.72 -0.97
C LEU B 525 -21.09 -54.13 -2.02
N PRO B 526 -19.94 -53.41 -2.08
CA PRO B 526 -18.81 -53.63 -2.99
C PRO B 526 -18.88 -54.23 -4.42
N GLN B 527 -18.35 -53.40 -5.35
CA GLN B 527 -18.20 -53.54 -6.84
C GLN B 527 -17.33 -52.30 -7.24
N LYS B 528 -16.04 -52.52 -7.54
CA LYS B 528 -15.12 -51.40 -7.85
C LYS B 528 -14.17 -51.52 -9.05
N ASN B 529 -13.54 -50.40 -9.41
CA ASN B 529 -12.58 -50.31 -10.53
C ASN B 529 -13.29 -50.72 -11.82
N SER B 530 -14.55 -50.32 -11.89
CA SER B 530 -15.41 -50.60 -13.04
C SER B 530 -15.79 -49.27 -13.71
N SER B 531 -16.70 -49.39 -14.68
CA SER B 531 -17.23 -48.31 -15.52
C SER B 531 -17.16 -49.05 -16.86
N GLU B 532 -18.07 -50.03 -16.98
CA GLU B 532 -18.17 -50.91 -18.14
C GLU B 532 -19.42 -50.66 -19.02
N GLY B 533 -19.50 -51.40 -20.13
CA GLY B 533 -20.62 -51.25 -21.03
C GLY B 533 -20.46 -50.04 -21.94
N ASN B 534 -20.73 -48.85 -21.39
CA ASN B 534 -20.63 -47.56 -22.08
C ASN B 534 -21.62 -46.51 -21.57
N LYS B 535 -21.53 -45.33 -22.19
CA LYS B 535 -22.38 -44.14 -21.93
C LYS B 535 -23.43 -44.21 -20.78
N HIS B 536 -24.71 -44.23 -21.18
CA HIS B 536 -25.85 -44.27 -20.25
C HIS B 536 -26.08 -45.68 -19.72
N HIS B 537 -25.23 -46.04 -18.75
CA HIS B 537 -25.28 -47.34 -18.12
C HIS B 537 -24.86 -47.14 -16.66
N LYS B 538 -25.71 -47.57 -15.73
CA LYS B 538 -25.44 -47.43 -14.30
C LYS B 538 -25.93 -48.69 -13.60
N SER B 539 -25.04 -49.31 -12.82
CA SER B 539 -25.38 -50.52 -12.06
C SER B 539 -25.50 -50.23 -10.55
N THR B 540 -25.70 -48.96 -10.21
CA THR B 540 -25.85 -48.46 -8.83
C THR B 540 -26.27 -49.48 -7.76
N PRO B 541 -25.32 -49.86 -6.89
CA PRO B 541 -25.56 -50.83 -5.81
C PRO B 541 -26.49 -50.40 -4.69
N LEU B 542 -26.50 -49.13 -4.36
CA LEU B 542 -27.34 -48.62 -3.27
C LEU B 542 -28.50 -47.71 -3.71
N LEU B 543 -29.53 -47.66 -2.87
CA LEU B 543 -30.71 -46.85 -3.09
C LEU B 543 -31.22 -46.42 -1.71
N ILE B 544 -31.39 -45.12 -1.52
CA ILE B 544 -31.84 -44.58 -0.24
C ILE B 544 -33.11 -43.77 -0.43
N HIS B 545 -34.10 -44.01 0.42
CA HIS B 545 -35.35 -43.26 0.30
C HIS B 545 -36.02 -42.85 1.61
N CYS B 546 -36.94 -41.92 1.43
CA CYS B 546 -37.76 -41.39 2.51
C CYS B 546 -38.83 -40.64 1.77
N ARG B 547 -39.79 -40.09 2.51
CA ARG B 547 -40.88 -39.33 1.93
C ARG B 547 -40.55 -38.78 0.55
N ASP B 548 -39.75 -37.72 0.52
CA ASP B 548 -39.37 -37.06 -0.72
C ASP B 548 -37.97 -37.43 -1.21
N GLY B 549 -37.24 -38.21 -0.42
CA GLY B 549 -35.90 -38.61 -0.81
C GLY B 549 -34.89 -37.47 -0.84
N SER B 550 -35.09 -36.49 0.03
CA SER B 550 -34.21 -35.32 0.14
C SER B 550 -34.13 -34.95 1.62
N GLN B 551 -35.28 -34.96 2.25
CA GLN B 551 -35.45 -34.63 3.66
C GLN B 551 -34.35 -35.24 4.53
N GLN B 552 -34.44 -36.55 4.75
CA GLN B 552 -33.44 -37.27 5.56
C GLN B 552 -32.40 -37.94 4.67
N THR B 553 -32.83 -38.33 3.47
CA THR B 553 -31.95 -38.96 2.48
C THR B 553 -30.73 -38.07 2.22
N GLY B 554 -30.91 -36.76 2.33
CA GLY B 554 -29.79 -35.85 2.12
C GLY B 554 -28.76 -36.07 3.21
N ILE B 555 -29.18 -36.03 4.47
CA ILE B 555 -28.26 -36.22 5.58
C ILE B 555 -27.53 -37.56 5.50
N PHE B 556 -28.22 -38.56 4.95
CA PHE B 556 -27.65 -39.89 4.82
C PHE B 556 -26.56 -39.89 3.76
N CYS B 557 -26.91 -39.47 2.55
CA CYS B 557 -25.95 -39.42 1.46
C CYS B 557 -24.71 -38.62 1.85
N ALA B 558 -24.95 -37.43 2.41
CA ALA B 558 -23.86 -36.56 2.84
C ALA B 558 -22.92 -37.30 3.80
N LEU B 559 -23.47 -38.10 4.71
CA LEU B 559 -22.67 -38.86 5.67
C LEU B 559 -21.84 -39.96 5.01
N LEU B 560 -22.44 -40.67 4.06
CA LEU B 560 -21.72 -41.74 3.37
C LEU B 560 -20.48 -41.15 2.75
N ASN B 561 -20.67 -40.04 2.03
CA ASN B 561 -19.56 -39.36 1.38
C ASN B 561 -18.52 -38.80 2.34
N LEU B 562 -18.96 -38.26 3.47
CA LEU B 562 -18.02 -37.70 4.45
C LEU B 562 -17.31 -38.82 5.19
N LEU B 563 -17.99 -39.95 5.36
CA LEU B 563 -17.39 -41.10 6.04
C LEU B 563 -16.31 -41.73 5.17
N GLU B 564 -16.52 -41.74 3.85
CA GLU B 564 -15.54 -42.31 2.94
C GLU B 564 -14.24 -41.51 2.90
N SER B 565 -14.30 -40.21 2.60
CA SER B 565 -13.08 -39.40 2.55
C SER B 565 -12.48 -39.33 3.95
N ALA B 566 -13.30 -39.54 4.96
CA ALA B 566 -12.83 -39.50 6.33
C ALA B 566 -11.96 -40.71 6.59
N GLU B 567 -12.12 -41.73 5.77
CA GLU B 567 -11.36 -42.94 5.93
C GLU B 567 -10.23 -42.94 4.96
N THR B 568 -10.49 -42.50 3.73
CA THR B 568 -9.47 -42.51 2.72
C THR B 568 -8.58 -41.25 2.66
N GLU B 569 -8.82 -40.28 3.52
CA GLU B 569 -7.99 -39.08 3.52
C GLU B 569 -7.83 -38.42 4.87
N GLU B 570 -8.80 -38.62 5.74
CA GLU B 570 -8.79 -38.03 7.07
C GLU B 570 -9.07 -36.56 6.93
N VAL B 571 -9.61 -36.19 5.76
CA VAL B 571 -9.96 -34.82 5.44
C VAL B 571 -11.47 -34.83 5.14
N VAL B 572 -12.16 -33.79 5.57
CA VAL B 572 -13.61 -33.69 5.40
C VAL B 572 -14.02 -32.31 4.94
N ASP B 573 -14.73 -32.24 3.82
CA ASP B 573 -15.21 -30.97 3.30
C ASP B 573 -16.75 -30.98 3.23
N ILE B 574 -17.36 -30.93 4.41
CA ILE B 574 -18.81 -30.94 4.55
C ILE B 574 -19.49 -29.93 3.64
N PHE B 575 -18.93 -28.74 3.54
CA PHE B 575 -19.52 -27.70 2.71
C PHE B 575 -19.66 -28.15 1.26
N GLN B 576 -18.55 -28.55 0.65
CA GLN B 576 -18.59 -28.98 -0.75
C GLN B 576 -19.42 -30.25 -0.91
N VAL B 577 -19.36 -31.14 0.06
CA VAL B 577 -20.15 -32.38 -0.02
C VAL B 577 -21.63 -32.04 -0.15
N VAL B 578 -22.05 -31.03 0.62
CA VAL B 578 -23.43 -30.55 0.67
C VAL B 578 -23.75 -29.70 -0.55
N LYS B 579 -22.76 -28.95 -1.00
CA LYS B 579 -22.94 -28.09 -2.17
C LYS B 579 -23.18 -28.95 -3.42
N ALA B 580 -22.70 -30.18 -3.37
CA ALA B 580 -22.85 -31.12 -4.49
C ALA B 580 -24.24 -31.69 -4.51
N LEU B 581 -24.73 -32.02 -3.32
CA LEU B 581 -26.05 -32.56 -3.19
C LEU B 581 -27.03 -31.52 -3.68
N ARG B 582 -27.07 -30.36 -3.02
CA ARG B 582 -28.01 -29.32 -3.43
C ARG B 582 -28.01 -29.23 -4.95
N LYS B 583 -26.85 -29.46 -5.54
CA LYS B 583 -26.71 -29.37 -6.98
C LYS B 583 -27.28 -30.55 -7.73
N ALA B 584 -27.90 -31.50 -7.05
CA ALA B 584 -28.43 -32.68 -7.73
C ALA B 584 -29.91 -32.92 -7.48
N ARG B 585 -30.34 -32.62 -6.27
CA ARG B 585 -31.72 -32.86 -5.92
C ARG B 585 -32.23 -31.74 -5.05
N LEU B 586 -33.09 -30.88 -5.59
CA LEU B 586 -33.58 -29.80 -4.74
C LEU B 586 -34.25 -30.51 -3.58
N GLY B 587 -33.97 -30.07 -2.36
CA GLY B 587 -34.61 -30.70 -1.23
C GLY B 587 -33.69 -31.18 -0.15
N MSE B 588 -32.44 -31.43 -0.54
CA MSE B 588 -31.41 -31.92 0.38
C MSE B 588 -31.25 -31.08 1.66
O MSE B 588 -32.17 -30.32 2.03
CB MSE B 588 -30.08 -31.96 -0.37
CG MSE B 588 -30.18 -32.66 -1.71
SE MSE B 588 -30.43 -34.54 -1.45
CE MSE B 588 -29.30 -35.25 -2.86
N VAL B 589 -30.13 -31.23 2.36
CA VAL B 589 -29.91 -30.45 3.56
C VAL B 589 -30.40 -29.06 3.21
N SER B 590 -31.12 -28.42 4.12
CA SER B 590 -31.63 -27.09 3.84
C SER B 590 -31.76 -26.29 5.11
N THR B 591 -31.58 -26.96 6.23
CA THR B 591 -31.65 -26.27 7.50
C THR B 591 -30.32 -26.41 8.21
N PHE B 592 -29.94 -25.36 8.93
CA PHE B 592 -28.67 -25.38 9.64
C PHE B 592 -28.62 -26.55 10.62
N GLU B 593 -29.80 -26.97 11.09
CA GLU B 593 -29.89 -28.08 12.04
C GLU B 593 -29.17 -29.27 11.44
N GLN B 594 -29.58 -29.61 10.21
CA GLN B 594 -29.01 -30.73 9.46
C GLN B 594 -27.53 -30.48 9.16
N TYR B 595 -27.24 -29.29 8.61
CA TYR B 595 -25.87 -28.92 8.30
C TYR B 595 -25.00 -29.16 9.54
N GLN B 596 -25.24 -28.37 10.57
CA GLN B 596 -24.48 -28.51 11.81
C GLN B 596 -24.45 -29.96 12.32
N PHE B 597 -25.44 -30.75 11.93
CA PHE B 597 -25.51 -32.15 12.35
C PHE B 597 -24.41 -32.99 11.69
N LEU B 598 -24.06 -32.65 10.45
CA LEU B 598 -23.00 -33.35 9.70
C LEU B 598 -21.70 -33.20 10.46
N TYR B 599 -21.46 -31.99 10.93
CA TYR B 599 -20.26 -31.68 11.70
C TYR B 599 -20.24 -32.51 12.98
N ASP B 600 -21.34 -32.45 13.71
CA ASP B 600 -21.51 -33.18 14.96
C ASP B 600 -21.13 -34.64 14.85
N VAL B 601 -21.86 -35.41 14.02
CA VAL B 601 -21.59 -36.83 13.84
C VAL B 601 -20.20 -37.12 13.30
N ILE B 602 -19.77 -36.39 12.27
CA ILE B 602 -18.44 -36.62 11.73
C ILE B 602 -17.43 -36.46 12.85
N ALA B 603 -17.61 -35.39 13.63
CA ALA B 603 -16.72 -35.08 14.75
C ALA B 603 -16.77 -36.09 15.90
N SER B 604 -17.97 -36.31 16.44
CA SER B 604 -18.13 -37.23 17.56
C SER B 604 -17.79 -38.69 17.21
N THR B 605 -18.08 -39.10 15.98
CA THR B 605 -17.80 -40.46 15.57
C THR B 605 -16.33 -40.54 15.22
N TYR B 606 -15.59 -39.47 15.53
CA TYR B 606 -14.17 -39.40 15.24
C TYR B 606 -13.42 -38.53 16.25
N PRO B 607 -13.07 -39.06 17.44
CA PRO B 607 -12.35 -38.24 18.42
C PRO B 607 -10.92 -37.89 17.94
N PRO C 1 15.51 52.95 36.08
CA PRO C 1 15.34 51.51 35.75
C PRO C 1 16.73 50.96 35.49
N THR C 2 16.84 49.71 35.08
CA THR C 2 18.17 49.15 34.85
C THR C 2 18.32 48.19 33.68
N PTR C 3 19.34 48.37 32.86
CA PTR C 3 19.52 47.45 31.74
C PTR C 3 20.26 46.12 31.91
O PTR C 3 20.01 45.12 31.22
CB PTR C 3 18.82 47.86 30.45
CG PTR C 3 19.27 47.33 29.12
CD1 PTR C 3 18.28 46.91 28.24
CD2 PTR C 3 20.64 47.25 28.73
CE1 PTR C 3 18.56 46.41 26.96
CE2 PTR C 3 20.95 46.74 27.42
CZ PTR C 3 19.91 46.33 26.56
OH PTR C 3 19.91 45.78 25.20
P PTR C 3 19.48 46.64 23.86
O1P PTR C 3 18.09 47.12 24.02
O2P PTR C 3 19.62 45.68 22.74
O3P PTR C 3 20.27 47.83 23.71
N SER C 4 21.15 46.15 32.90
CA SER C 4 22.02 45.05 33.33
C SER C 4 23.28 44.79 32.52
N PRO D 1 0.05 -37.14 -36.17
CA PRO D 1 -1.26 -36.81 -35.58
C PRO D 1 -1.36 -35.31 -35.44
N THR D 2 -2.52 -34.87 -34.97
CA THR D 2 -2.77 -33.45 -34.76
C THR D 2 -3.58 -33.17 -33.51
N PTR D 3 -3.08 -32.23 -32.73
CA PTR D 3 -3.79 -31.85 -31.54
C PTR D 3 -4.84 -30.78 -31.67
O PTR D 3 -5.81 -30.69 -30.92
CB PTR D 3 -3.41 -32.56 -30.24
CG PTR D 3 -3.68 -31.94 -28.88
CD1 PTR D 3 -4.04 -32.82 -27.85
CD2 PTR D 3 -3.58 -30.54 -28.62
CE1 PTR D 3 -4.31 -32.39 -26.56
CE2 PTR D 3 -3.87 -30.10 -27.29
CZ PTR D 3 -4.23 -31.02 -26.28
OH PTR D 3 -4.59 -30.96 -24.86
P PTR D 3 -3.89 -31.53 -23.48
O1P PTR D 3 -3.71 -33.00 -23.56
O2P PTR D 3 -4.80 -31.15 -22.37
O3P PTR D 3 -2.61 -30.86 -23.50
N SER D 4 -4.63 -30.04 -32.78
CA SER D 4 -5.42 -28.90 -33.23
C SER D 4 -5.90 -27.99 -32.10
#